data_5ESQ
#
_entry.id   5ESQ
#
_cell.length_a   64.140
_cell.length_b   82.570
_cell.length_c   212.070
_cell.angle_alpha   90.00
_cell.angle_beta   90.00
_cell.angle_gamma   90.00
#
_symmetry.space_group_name_H-M   'P 21 21 21'
#
loop_
_entity.id
_entity.type
_entity.pdbx_description
1 polymer 'Cetuximab Fab light chain'
2 polymer 'Cetuximab Fab heavy chain'
3 polymer 'Cyclic beta-alanine-linked meditope'
4 non-polymer 'PHOSPHATE ION'
5 water water
#
loop_
_entity_poly.entity_id
_entity_poly.type
_entity_poly.pdbx_seq_one_letter_code
_entity_poly.pdbx_strand_id
1 'polypeptide(L)'
;DILLTQSPVILSVSPGERVSFSCRASQSIGTNIHWYQQRTNGSPRLLIKYASESISGIPSRFSGSGSGTDFTLSINSVES
EDIADYYCQQNNNWPTTFGAGTKLELKRTVAAPSVFIFPPSDEQLKSGTASVVCLLNNFYPREAKVQWKVDNALQSGNSQ
ESVTEQDSKDSTYSLSSTLTLSKADYEKHKVYACEVTHQGLSSPVTKSFNRGA
;
A,C
2 'polypeptide(L)'
;QVQLKQSGPGLVQPSQSLSITCTVSGFSLTNYGVHWVRQSPGKGLEWLGVIWSGGNTDYNTPFTSRLSINKDNSKSQVFF
KMNSLQSNDTAIYYCARALTYYDYEFAYWGQGTLVTVSAASTKGPSVFPLAPSSKSTSGGTAALGCLVKDYFPEPVTVSW
NSGALTSGVHTFPAVLQSSGLYSLSSVVTVPSSSLGTQTYICNVNHKPSNTKVDKRVEPKS
;
B,D
3 'polypeptide(L)' (BAL)QFDLSTRRLK(BAL) E,F
#
loop_
_chem_comp.id
_chem_comp.type
_chem_comp.name
_chem_comp.formula
BAL peptide-like BETA-ALANINE 'C3 H7 N O2'
PO4 non-polymer 'PHOSPHATE ION' 'O4 P -3'
#
# COMPACT_ATOMS: atom_id res chain seq x y z
N ASP A 1 -24.48 -20.13 -7.65
CA ASP A 1 -24.24 -18.70 -7.69
C ASP A 1 -22.90 -18.38 -8.35
N ILE A 2 -22.82 -17.22 -9.00
CA ILE A 2 -21.60 -16.75 -9.64
C ILE A 2 -20.68 -16.06 -8.65
N LEU A 3 -19.44 -16.53 -8.57
CA LEU A 3 -18.46 -15.94 -7.69
C LEU A 3 -17.66 -14.85 -8.41
N LEU A 4 -17.71 -13.63 -7.87
CA LEU A 4 -16.97 -12.52 -8.44
C LEU A 4 -15.75 -12.19 -7.58
N THR A 5 -14.57 -12.30 -8.18
CA THR A 5 -13.33 -12.04 -7.46
C THR A 5 -12.70 -10.72 -7.89
N GLN A 6 -12.69 -9.76 -6.98
CA GLN A 6 -12.10 -8.46 -7.26
C GLN A 6 -10.67 -8.38 -6.75
N SER A 7 -9.76 -7.86 -7.58
CA SER A 7 -8.37 -7.71 -7.20
C SER A 7 -7.82 -6.37 -7.65
N PRO A 8 -6.92 -5.77 -6.84
CA PRO A 8 -6.50 -6.26 -5.53
C PRO A 8 -7.52 -5.92 -4.45
N VAL A 9 -7.22 -6.31 -3.22
CA VAL A 9 -8.06 -5.93 -2.08
C VAL A 9 -7.89 -4.43 -1.83
N ILE A 10 -6.64 -3.96 -1.93
CA ILE A 10 -6.33 -2.56 -1.70
C ILE A 10 -5.53 -1.96 -2.85
N LEU A 11 -5.93 -0.78 -3.32
CA LEU A 11 -5.20 -0.06 -4.34
C LEU A 11 -4.72 1.30 -3.80
N SER A 12 -3.44 1.59 -3.98
CA SER A 12 -2.88 2.85 -3.52
C SER A 12 -2.20 3.60 -4.66
N VAL A 13 -2.78 4.73 -5.05
CA VAL A 13 -2.24 5.52 -6.15
C VAL A 13 -2.09 6.98 -5.76
N SER A 14 -1.64 7.79 -6.71
CA SER A 14 -1.48 9.22 -6.49
C SER A 14 -2.44 9.98 -7.41
N PRO A 15 -2.84 11.20 -7.01
CA PRO A 15 -3.74 12.01 -7.83
C PRO A 15 -3.17 12.26 -9.23
N GLY A 16 -4.00 12.06 -10.25
CA GLY A 16 -3.58 12.26 -11.62
C GLY A 16 -3.17 10.98 -12.31
N GLU A 17 -2.98 9.92 -11.52
CA GLU A 17 -2.57 8.63 -12.07
C GLU A 17 -3.77 7.83 -12.57
N ARG A 18 -3.49 6.91 -13.49
CA ARG A 18 -4.49 5.98 -13.98
C ARG A 18 -4.61 4.83 -12.98
N VAL A 19 -5.81 4.26 -12.88
CA VAL A 19 -6.01 3.11 -12.00
C VAL A 19 -7.05 2.16 -12.59
N SER A 20 -6.82 0.86 -12.43
CA SER A 20 -7.72 -0.16 -12.96
C SER A 20 -8.15 -1.14 -11.88
N PHE A 21 -9.45 -1.40 -11.81
CA PHE A 21 -10.01 -2.36 -10.86
C PHE A 21 -10.37 -3.64 -11.60
N SER A 22 -9.94 -4.78 -11.07
CA SER A 22 -10.25 -6.06 -11.69
C SER A 22 -11.46 -6.73 -11.05
N CYS A 23 -12.24 -7.42 -11.87
CA CYS A 23 -13.37 -8.20 -11.40
C CYS A 23 -13.50 -9.46 -12.24
N ARG A 24 -13.29 -10.62 -11.62
CA ARG A 24 -13.31 -11.87 -12.36
C ARG A 24 -14.46 -12.79 -11.94
N ALA A 25 -15.15 -13.34 -12.92
CA ALA A 25 -16.29 -14.21 -12.68
C ALA A 25 -15.91 -15.69 -12.73
N SER A 26 -16.62 -16.50 -11.94
CA SER A 26 -16.37 -17.93 -11.88
C SER A 26 -16.65 -18.62 -13.21
N GLN A 27 -17.53 -18.02 -14.01
CA GLN A 27 -17.78 -18.50 -15.36
C GLN A 27 -18.27 -17.35 -16.24
N SER A 28 -18.31 -17.58 -17.56
CA SER A 28 -18.64 -16.53 -18.51
C SER A 28 -20.01 -15.89 -18.24
N ILE A 29 -20.01 -14.56 -18.15
CA ILE A 29 -21.25 -13.81 -17.91
C ILE A 29 -21.47 -12.78 -19.01
N GLY A 30 -20.80 -12.97 -20.14
CA GLY A 30 -20.89 -12.06 -21.27
C GLY A 30 -20.39 -10.68 -20.91
N THR A 31 -21.28 -9.70 -20.93
CA THR A 31 -20.94 -8.34 -20.52
C THR A 31 -21.95 -7.82 -19.51
N ASN A 32 -22.66 -8.75 -18.86
CA ASN A 32 -23.66 -8.38 -17.88
C ASN A 32 -23.02 -8.09 -16.52
N ILE A 33 -22.30 -6.97 -16.45
CA ILE A 33 -21.66 -6.58 -15.21
C ILE A 33 -21.83 -5.08 -14.94
N HIS A 34 -22.09 -4.73 -13.69
CA HIS A 34 -22.26 -3.34 -13.30
C HIS A 34 -21.25 -2.96 -12.23
N TRP A 35 -20.86 -1.68 -12.20
CA TRP A 35 -19.88 -1.20 -11.24
C TRP A 35 -20.53 -0.19 -10.27
N TYR A 36 -20.01 -0.15 -9.04
CA TYR A 36 -20.55 0.73 -8.02
C TYR A 36 -19.47 1.42 -7.20
N GLN A 37 -19.75 2.66 -6.80
CA GLN A 37 -18.88 3.40 -5.90
C GLN A 37 -19.57 3.56 -4.56
N GLN A 38 -18.81 3.41 -3.48
CA GLN A 38 -19.35 3.64 -2.15
C GLN A 38 -18.39 4.44 -1.28
N ARG A 39 -18.75 5.69 -1.02
CA ARG A 39 -17.96 6.55 -0.15
C ARG A 39 -18.34 6.33 1.30
N THR A 40 -17.59 6.96 2.21
CA THR A 40 -17.82 6.79 3.65
C THR A 40 -19.24 7.15 4.07
N ASN A 41 -19.89 6.20 4.76
CA ASN A 41 -21.27 6.36 5.26
C ASN A 41 -22.31 6.55 4.16
N GLY A 42 -21.97 6.18 2.94
CA GLY A 42 -22.88 6.35 1.81
C GLY A 42 -23.44 5.05 1.29
N SER A 43 -24.43 5.16 0.41
CA SER A 43 -24.99 4.01 -0.27
C SER A 43 -24.25 3.81 -1.59
N PRO A 44 -24.31 2.60 -2.15
CA PRO A 44 -23.66 2.33 -3.45
C PRO A 44 -24.14 3.28 -4.54
N ARG A 45 -23.22 3.72 -5.37
CA ARG A 45 -23.53 4.60 -6.46
C ARG A 45 -23.16 3.93 -7.79
N LEU A 46 -24.12 3.88 -8.71
CA LEU A 46 -23.92 3.26 -10.02
C LEU A 46 -22.97 4.05 -10.91
N LEU A 47 -21.86 3.42 -11.31
CA LEU A 47 -20.86 4.06 -12.15
C LEU A 47 -20.95 3.63 -13.60
N ILE A 48 -20.98 2.32 -13.82
CA ILE A 48 -21.02 1.74 -15.15
C ILE A 48 -22.02 0.60 -15.22
N LYS A 49 -22.84 0.58 -16.26
CA LYS A 49 -23.74 -0.55 -16.50
C LYS A 49 -23.30 -1.34 -17.73
N TYR A 50 -23.49 -2.65 -17.68
CA TYR A 50 -23.14 -3.55 -18.79
C TYR A 50 -21.71 -3.35 -19.30
N ALA A 51 -20.75 -3.53 -18.39
CA ALA A 51 -19.32 -3.48 -18.71
C ALA A 51 -18.77 -2.13 -19.14
N SER A 52 -19.46 -1.42 -20.03
CA SER A 52 -18.89 -0.21 -20.62
C SER A 52 -19.84 0.98 -20.77
N GLU A 53 -21.14 0.75 -20.63
CA GLU A 53 -22.12 1.81 -20.83
C GLU A 53 -22.08 2.86 -19.71
N SER A 54 -22.04 4.13 -20.10
CA SER A 54 -21.93 5.23 -19.15
C SER A 54 -23.23 5.51 -18.41
N ILE A 55 -23.12 6.19 -17.27
CA ILE A 55 -24.26 6.52 -16.43
C ILE A 55 -24.38 8.04 -16.27
N SER A 56 -25.61 8.53 -16.24
CA SER A 56 -25.89 9.95 -16.08
C SER A 56 -25.24 10.56 -14.83
N GLY A 57 -24.62 11.72 -14.99
CA GLY A 57 -24.04 12.43 -13.86
C GLY A 57 -22.67 11.94 -13.46
N ILE A 58 -22.29 10.77 -13.96
CA ILE A 58 -20.99 10.18 -13.64
C ILE A 58 -19.88 10.80 -14.48
N PRO A 59 -18.81 11.26 -13.82
CA PRO A 59 -17.65 11.88 -14.47
C PRO A 59 -17.11 11.03 -15.62
N SER A 60 -16.68 11.69 -16.69
CA SER A 60 -16.21 11.00 -17.88
C SER A 60 -14.91 10.24 -17.64
N ARG A 61 -14.28 10.49 -16.49
CA ARG A 61 -13.03 9.84 -16.15
C ARG A 61 -13.25 8.38 -15.75
N PHE A 62 -14.52 8.00 -15.57
CA PHE A 62 -14.88 6.62 -15.28
C PHE A 62 -15.26 5.87 -16.55
N SER A 63 -14.62 4.73 -16.77
CA SER A 63 -14.97 3.88 -17.90
C SER A 63 -14.74 2.42 -17.54
N GLY A 64 -15.29 1.52 -18.34
CA GLY A 64 -15.14 0.10 -18.10
C GLY A 64 -14.99 -0.70 -19.38
N SER A 65 -14.46 -1.91 -19.25
CA SER A 65 -14.28 -2.79 -20.39
C SER A 65 -14.26 -4.25 -19.95
N GLY A 66 -14.04 -5.15 -20.90
CA GLY A 66 -13.97 -6.57 -20.61
C GLY A 66 -15.19 -7.35 -21.05
N SER A 67 -15.01 -8.65 -21.21
CA SER A 67 -16.11 -9.54 -21.61
C SER A 67 -15.75 -10.99 -21.26
N GLY A 68 -16.76 -11.77 -20.92
CA GLY A 68 -16.54 -13.16 -20.54
C GLY A 68 -16.38 -13.32 -19.05
N THR A 69 -15.13 -13.34 -18.59
CA THR A 69 -14.85 -13.54 -17.16
C THR A 69 -13.94 -12.45 -16.58
N ASP A 70 -13.24 -11.73 -17.46
CA ASP A 70 -12.29 -10.73 -17.00
C ASP A 70 -12.77 -9.31 -17.34
N PHE A 71 -13.03 -8.51 -16.30
CA PHE A 71 -13.55 -7.17 -16.48
C PHE A 71 -12.68 -6.12 -15.77
N THR A 72 -12.78 -4.87 -16.22
CA THR A 72 -11.92 -3.81 -15.71
C THR A 72 -12.63 -2.45 -15.62
N LEU A 73 -12.64 -1.88 -14.42
CA LEU A 73 -13.11 -0.52 -14.21
C LEU A 73 -11.90 0.41 -14.16
N SER A 74 -11.95 1.49 -14.93
CA SER A 74 -10.78 2.37 -15.07
C SER A 74 -11.07 3.83 -14.70
N ILE A 75 -10.11 4.44 -14.01
CA ILE A 75 -10.13 5.87 -13.75
C ILE A 75 -8.84 6.47 -14.30
N ASN A 76 -8.94 7.16 -15.43
CA ASN A 76 -7.76 7.65 -16.13
C ASN A 76 -6.95 8.69 -15.37
N SER A 77 -7.62 9.45 -14.52
CA SER A 77 -6.95 10.47 -13.71
C SER A 77 -7.62 10.62 -12.34
N VAL A 78 -7.09 9.90 -11.36
CA VAL A 78 -7.65 9.88 -10.01
C VAL A 78 -7.67 11.25 -9.34
N GLU A 79 -8.82 11.60 -8.77
CA GLU A 79 -8.93 12.79 -7.94
C GLU A 79 -9.19 12.39 -6.50
N SER A 80 -9.05 13.35 -5.58
CA SER A 80 -9.18 13.06 -4.16
C SER A 80 -10.60 12.65 -3.76
N GLU A 81 -11.57 12.97 -4.61
CA GLU A 81 -12.96 12.61 -4.35
CA GLU A 81 -12.96 12.61 -4.35
C GLU A 81 -13.25 11.17 -4.78
N ASP A 82 -12.26 10.52 -5.39
CA ASP A 82 -12.42 9.15 -5.85
C ASP A 82 -12.19 8.15 -4.71
N ILE A 83 -11.72 8.65 -3.56
CA ILE A 83 -11.48 7.81 -2.39
C ILE A 83 -12.75 7.11 -1.94
N ALA A 84 -12.83 5.80 -2.21
CA ALA A 84 -14.00 5.01 -1.88
C ALA A 84 -13.73 3.52 -2.06
N ASP A 85 -14.78 2.72 -1.89
CA ASP A 85 -14.73 1.30 -2.23
C ASP A 85 -15.44 1.12 -3.56
N TYR A 86 -15.00 0.13 -4.34
CA TYR A 86 -15.59 -0.12 -5.65
C TYR A 86 -16.01 -1.57 -5.82
N TYR A 87 -17.30 -1.77 -6.09
CA TYR A 87 -17.86 -3.11 -6.21
C TYR A 87 -18.31 -3.42 -7.63
N CYS A 88 -18.27 -4.70 -7.99
CA CYS A 88 -18.81 -5.14 -9.27
C CYS A 88 -20.00 -6.07 -9.04
N GLN A 89 -20.93 -6.07 -9.98
CA GLN A 89 -22.15 -6.86 -9.86
C GLN A 89 -22.45 -7.56 -11.18
N GLN A 90 -22.77 -8.85 -11.12
CA GLN A 90 -23.17 -9.58 -12.32
C GLN A 90 -24.67 -9.86 -12.31
N ASN A 91 -25.26 -9.96 -13.48
CA ASN A 91 -26.66 -10.30 -13.60
C ASN A 91 -26.97 -11.11 -14.85
N ASN A 92 -25.96 -11.81 -15.34
CA ASN A 92 -26.15 -12.76 -16.44
C ASN A 92 -26.75 -14.04 -15.87
N ASN A 93 -26.62 -14.22 -14.58
CA ASN A 93 -27.11 -15.37 -13.86
C ASN A 93 -27.85 -15.04 -12.63
N TRP A 94 -28.94 -15.73 -12.36
CA TRP A 94 -29.72 -15.51 -11.16
C TRP A 94 -29.20 -16.39 -10.02
N PRO A 95 -29.10 -15.83 -8.81
CA PRO A 95 -29.42 -14.43 -8.49
C PRO A 95 -28.23 -13.51 -8.74
N THR A 96 -28.49 -12.21 -8.85
CA THR A 96 -27.41 -11.24 -9.05
C THR A 96 -26.49 -11.23 -7.84
N THR A 97 -25.19 -11.26 -8.09
CA THR A 97 -24.20 -11.33 -7.03
C THR A 97 -23.18 -10.21 -7.13
N PHE A 98 -22.63 -9.81 -5.99
CA PHE A 98 -21.66 -8.72 -5.93
C PHE A 98 -20.28 -9.24 -5.57
N GLY A 99 -19.24 -8.51 -5.97
CA GLY A 99 -17.89 -8.84 -5.59
C GLY A 99 -17.60 -8.36 -4.18
N ALA A 100 -16.40 -8.66 -3.68
CA ALA A 100 -16.05 -8.26 -2.32
C ALA A 100 -15.55 -6.82 -2.23
N GLY A 101 -15.24 -6.23 -3.39
CA GLY A 101 -14.87 -4.84 -3.46
C GLY A 101 -13.38 -4.56 -3.36
N THR A 102 -12.97 -3.40 -3.86
CA THR A 102 -11.58 -2.96 -3.80
C THR A 102 -11.49 -1.58 -3.15
N LYS A 103 -10.64 -1.46 -2.14
CA LYS A 103 -10.45 -0.19 -1.44
C LYS A 103 -9.43 0.68 -2.17
N LEU A 104 -9.82 1.91 -2.47
CA LEU A 104 -8.92 2.84 -3.16
C LEU A 104 -8.36 3.89 -2.21
N GLU A 105 -7.07 3.78 -1.92
CA GLU A 105 -6.39 4.76 -1.09
C GLU A 105 -5.58 5.71 -1.95
N LEU A 106 -5.41 6.95 -1.49
CA LEU A 106 -4.63 7.93 -2.21
C LEU A 106 -3.37 8.34 -1.46
N LYS A 107 -2.27 8.44 -2.20
CA LYS A 107 -1.02 8.90 -1.63
C LYS A 107 -0.94 10.42 -1.70
N ARG A 108 -0.14 11.00 -0.82
CA ARG A 108 0.10 12.43 -0.82
C ARG A 108 1.34 12.76 -0.01
N THR A 109 1.68 14.05 0.04
CA THR A 109 2.85 14.49 0.80
C THR A 109 2.64 14.26 2.29
N VAL A 110 3.73 14.09 3.02
CA VAL A 110 3.68 13.90 4.46
C VAL A 110 3.13 15.15 5.15
N ALA A 111 2.12 14.96 5.99
CA ALA A 111 1.53 16.05 6.74
C ALA A 111 1.60 15.78 8.24
N ALA A 112 2.25 16.67 8.98
CA ALA A 112 2.34 16.54 10.42
C ALA A 112 1.00 16.84 11.08
N PRO A 113 0.63 16.07 12.11
CA PRO A 113 -0.66 16.28 12.78
C PRO A 113 -0.67 17.51 13.67
N SER A 114 -1.81 18.19 13.74
CA SER A 114 -2.00 19.24 14.73
C SER A 114 -2.61 18.61 15.97
N VAL A 115 -1.96 18.79 17.11
CA VAL A 115 -2.36 18.11 18.34
C VAL A 115 -3.11 19.01 19.31
N PHE A 116 -4.24 18.53 19.79
CA PHE A 116 -5.05 19.24 20.78
C PHE A 116 -5.43 18.28 21.91
N ILE A 117 -5.32 18.74 23.15
CA ILE A 117 -5.73 17.92 24.29
C ILE A 117 -6.97 18.51 24.97
N PHE A 118 -7.91 17.64 25.33
CA PHE A 118 -9.15 18.08 25.94
C PHE A 118 -9.36 17.42 27.30
N PRO A 119 -9.37 18.23 28.36
CA PRO A 119 -9.67 17.76 29.71
C PRO A 119 -11.11 17.29 29.80
N PRO A 120 -11.44 16.44 30.79
CA PRO A 120 -12.84 16.04 30.96
C PRO A 120 -13.68 17.22 31.45
N SER A 121 -14.89 17.35 30.93
CA SER A 121 -15.77 18.44 31.34
C SER A 121 -16.27 18.23 32.76
N ASP A 122 -16.60 19.32 33.44
CA ASP A 122 -17.15 19.23 34.79
C ASP A 122 -18.51 18.54 34.77
N GLU A 123 -19.17 18.58 33.62
N GLU A 123 -19.18 18.58 33.62
CA GLU A 123 -20.48 17.94 33.45
CA GLU A 123 -20.48 17.94 33.46
C GLU A 123 -20.35 16.42 33.54
C GLU A 123 -20.36 16.42 33.55
N GLN A 124 -19.31 15.87 32.94
CA GLN A 124 -19.10 14.43 32.92
C GLN A 124 -18.61 13.90 34.27
N LEU A 125 -17.82 14.71 34.98
CA LEU A 125 -17.27 14.30 36.26
C LEU A 125 -18.35 13.99 37.30
N LYS A 126 -19.56 14.49 37.06
CA LYS A 126 -20.71 14.19 37.91
C LYS A 126 -21.12 12.72 37.76
N SER A 127 -20.86 12.14 36.60
CA SER A 127 -21.23 10.75 36.35
C SER A 127 -20.28 9.78 37.07
N GLY A 128 -19.15 10.30 37.53
CA GLY A 128 -18.16 9.49 38.21
C GLY A 128 -17.19 8.87 37.22
N THR A 129 -17.15 9.42 36.02
CA THR A 129 -16.26 8.94 34.96
C THR A 129 -15.58 10.13 34.29
N ALA A 130 -14.33 9.95 33.90
CA ALA A 130 -13.56 11.02 33.26
C ALA A 130 -12.97 10.56 31.92
N SER A 131 -13.24 11.34 30.87
CA SER A 131 -12.69 11.04 29.55
C SER A 131 -11.75 12.15 29.08
N VAL A 132 -10.48 11.80 28.90
CA VAL A 132 -9.50 12.74 28.39
C VAL A 132 -9.23 12.44 26.92
N VAL A 133 -9.54 13.40 26.05
CA VAL A 133 -9.44 13.18 24.62
C VAL A 133 -8.23 13.88 24.01
N CYS A 134 -7.47 13.17 23.19
CA CYS A 134 -6.36 13.75 22.46
C CYS A 134 -6.65 13.71 20.97
N LEU A 135 -6.52 14.87 20.31
CA LEU A 135 -6.87 14.97 18.90
C LEU A 135 -5.66 15.17 17.99
N LEU A 136 -5.48 14.24 17.07
CA LEU A 136 -4.46 14.37 16.01
C LEU A 136 -5.20 14.72 14.73
N ASN A 137 -4.98 15.93 14.23
CA ASN A 137 -5.81 16.44 13.14
C ASN A 137 -5.09 16.66 11.83
N ASN A 138 -5.70 16.17 10.75
CA ASN A 138 -5.22 16.39 9.39
C ASN A 138 -3.76 16.01 9.14
N PHE A 139 -3.49 14.71 9.15
CA PHE A 139 -2.13 14.22 8.98
C PHE A 139 -2.03 13.10 7.97
N TYR A 140 -0.80 12.81 7.53
CA TYR A 140 -0.52 11.73 6.61
C TYR A 140 0.95 11.34 6.73
N PRO A 141 1.24 10.03 6.73
CA PRO A 141 0.32 8.90 6.55
C PRO A 141 -0.47 8.54 7.82
N ARG A 142 -1.22 7.45 7.72
CA ARG A 142 -2.13 7.03 8.78
C ARG A 142 -1.42 6.62 10.07
N GLU A 143 -0.20 6.11 9.93
CA GLU A 143 0.57 5.61 11.07
C GLU A 143 0.91 6.72 12.07
N ALA A 144 0.54 6.50 13.33
CA ALA A 144 0.83 7.44 14.40
C ALA A 144 0.80 6.76 15.77
N LYS A 145 1.56 7.31 16.72
CA LYS A 145 1.60 6.78 18.07
C LYS A 145 1.06 7.81 19.05
N VAL A 146 0.25 7.35 20.01
CA VAL A 146 -0.23 8.22 21.07
C VAL A 146 0.10 7.63 22.42
N GLN A 147 0.96 8.31 23.17
CA GLN A 147 1.35 7.80 24.48
C GLN A 147 0.82 8.68 25.61
N TRP A 148 0.05 8.06 26.49
CA TRP A 148 -0.56 8.75 27.61
C TRP A 148 0.28 8.64 28.87
N LYS A 149 0.44 9.77 29.54
CA LYS A 149 1.18 9.82 30.81
C LYS A 149 0.38 10.57 31.85
N VAL A 150 0.19 9.95 33.01
CA VAL A 150 -0.49 10.58 34.13
C VAL A 150 0.46 10.65 35.31
N ASP A 151 0.91 11.87 35.64
CA ASP A 151 1.95 12.07 36.65
C ASP A 151 3.18 11.22 36.34
N ASN A 152 3.64 11.32 35.09
CA ASN A 152 4.81 10.59 34.60
C ASN A 152 4.64 9.07 34.56
N ALA A 153 3.46 8.58 34.92
CA ALA A 153 3.19 7.15 34.85
C ALA A 153 2.61 6.78 33.49
N LEU A 154 3.26 5.83 32.82
CA LEU A 154 2.82 5.38 31.50
C LEU A 154 1.46 4.71 31.56
N GLN A 155 0.49 5.26 30.83
CA GLN A 155 -0.85 4.66 30.76
C GLN A 155 -0.89 3.58 29.69
N SER A 156 -1.56 2.47 30.01
CA SER A 156 -1.65 1.34 29.09
C SER A 156 -2.93 0.54 29.31
N GLY A 157 -3.64 0.27 28.22
CA GLY A 157 -4.86 -0.53 28.29
C GLY A 157 -6.10 0.27 28.61
N ASN A 158 -5.92 1.53 29.02
CA ASN A 158 -7.05 2.38 29.38
C ASN A 158 -7.35 3.48 28.36
N SER A 159 -6.91 3.28 27.12
CA SER A 159 -7.18 4.23 26.05
C SER A 159 -7.70 3.52 24.80
N GLN A 160 -8.49 4.25 24.01
CA GLN A 160 -9.01 3.71 22.75
C GLN A 160 -8.84 4.70 21.62
N GLU A 161 -8.59 4.19 20.42
CA GLU A 161 -8.35 5.03 19.26
C GLU A 161 -9.43 4.92 18.20
N SER A 162 -9.71 6.05 17.55
CA SER A 162 -10.63 6.08 16.42
C SER A 162 -10.00 6.92 15.32
N VAL A 163 -10.03 6.40 14.10
CA VAL A 163 -9.43 7.09 12.96
C VAL A 163 -10.44 7.29 11.84
N THR A 164 -10.57 8.54 11.40
CA THR A 164 -11.44 8.85 10.27
C THR A 164 -10.90 8.23 8.99
N GLU A 165 -11.77 8.02 8.02
CA GLU A 165 -11.34 7.59 6.70
C GLU A 165 -10.66 8.76 6.01
N GLN A 166 -10.04 8.49 4.87
CA GLN A 166 -9.30 9.53 4.15
C GLN A 166 -10.23 10.65 3.69
N ASP A 167 -9.81 11.89 3.90
CA ASP A 167 -10.60 13.06 3.52
C ASP A 167 -10.70 13.19 2.01
N SER A 168 -11.88 13.57 1.53
CA SER A 168 -12.14 13.64 0.09
C SER A 168 -11.52 14.88 -0.55
N LYS A 169 -11.05 15.81 0.27
CA LYS A 169 -10.50 17.07 -0.24
C LYS A 169 -8.98 17.12 -0.15
N ASP A 170 -8.43 16.93 1.05
CA ASP A 170 -6.99 17.03 1.26
C ASP A 170 -6.30 15.67 1.48
N SER A 171 -7.08 14.60 1.44
CA SER A 171 -6.57 13.23 1.56
C SER A 171 -5.80 12.97 2.86
N THR A 172 -6.21 13.62 3.94
CA THR A 172 -5.56 13.43 5.24
C THR A 172 -6.39 12.57 6.17
N TYR A 173 -5.78 12.15 7.27
CA TYR A 173 -6.48 11.41 8.31
C TYR A 173 -6.53 12.26 9.57
N SER A 174 -7.53 12.00 10.42
CA SER A 174 -7.57 12.58 11.75
C SER A 174 -7.77 11.47 12.77
N LEU A 175 -7.12 11.60 13.92
CA LEU A 175 -7.17 10.57 14.95
C LEU A 175 -7.61 11.14 16.29
N SER A 176 -8.39 10.36 17.02
CA SER A 176 -8.80 10.72 18.37
C SER A 176 -8.43 9.62 19.36
N SER A 177 -7.64 9.96 20.36
CA SER A 177 -7.29 9.01 21.41
C SER A 177 -7.96 9.42 22.72
N THR A 178 -8.79 8.53 23.27
CA THR A 178 -9.54 8.84 24.48
C THR A 178 -9.05 8.04 25.69
N LEU A 179 -8.48 8.75 26.67
CA LEU A 179 -8.08 8.13 27.92
C LEU A 179 -9.25 8.11 28.89
N THR A 180 -9.60 6.93 29.38
CA THR A 180 -10.76 6.77 30.25
C THR A 180 -10.35 6.39 31.67
N LEU A 181 -10.74 7.23 32.63
CA LEU A 181 -10.41 7.02 34.04
C LEU A 181 -11.66 7.11 34.90
N SER A 182 -11.57 6.63 36.13
CA SER A 182 -12.62 6.86 37.11
C SER A 182 -12.45 8.27 37.65
N LYS A 183 -13.52 8.83 38.20
CA LYS A 183 -13.46 10.17 38.75
C LYS A 183 -12.50 10.21 39.94
N ALA A 184 -12.42 9.09 40.66
CA ALA A 184 -11.52 8.97 41.80
C ALA A 184 -10.06 9.02 41.34
N ASP A 185 -9.75 8.26 40.31
CA ASP A 185 -8.40 8.23 39.73
CA ASP A 185 -8.40 8.23 39.75
C ASP A 185 -8.01 9.60 39.20
N TYR A 186 -8.92 10.21 38.44
CA TYR A 186 -8.67 11.51 37.83
C TYR A 186 -8.37 12.61 38.85
N GLU A 187 -9.10 12.58 39.97
CA GLU A 187 -8.92 13.59 41.00
C GLU A 187 -7.64 13.40 41.81
N LYS A 188 -7.07 12.20 41.78
CA LYS A 188 -5.86 11.91 42.53
C LYS A 188 -4.59 12.40 41.83
N HIS A 189 -4.72 12.85 40.60
CA HIS A 189 -3.55 13.21 39.80
C HIS A 189 -3.62 14.60 39.19
N LYS A 190 -2.46 15.11 38.78
CA LYS A 190 -2.35 16.50 38.33
C LYS A 190 -2.04 16.64 36.84
N VAL A 191 -0.87 16.15 36.43
CA VAL A 191 -0.41 16.35 35.06
C VAL A 191 -0.86 15.26 34.10
N TYR A 192 -1.64 15.65 33.10
CA TYR A 192 -2.14 14.72 32.09
C TYR A 192 -1.57 15.06 30.72
N ALA A 193 -0.65 14.24 30.24
CA ALA A 193 0.06 14.53 29.01
C ALA A 193 -0.27 13.55 27.89
N CYS A 194 -0.24 14.05 26.66
CA CYS A 194 -0.46 13.23 25.48
C CYS A 194 0.69 13.42 24.50
N GLU A 195 1.53 12.40 24.37
CA GLU A 195 2.66 12.47 23.45
C GLU A 195 2.31 11.85 22.11
N VAL A 196 2.64 12.55 21.03
CA VAL A 196 2.31 12.12 19.68
C VAL A 196 3.57 11.88 18.85
N THR A 197 3.67 10.68 18.27
CA THR A 197 4.78 10.35 17.38
C THR A 197 4.27 10.18 15.96
N HIS A 198 4.91 10.88 15.02
CA HIS A 198 4.52 10.80 13.61
C HIS A 198 5.70 11.11 12.70
N GLN A 199 5.64 10.60 11.48
CA GLN A 199 6.70 10.80 10.49
C GLN A 199 6.92 12.28 10.16
N GLY A 200 5.86 13.07 10.21
CA GLY A 200 5.92 14.47 9.88
C GLY A 200 6.48 15.34 10.99
N LEU A 201 6.84 14.71 12.11
CA LEU A 201 7.40 15.42 13.24
C LEU A 201 8.84 14.97 13.47
N SER A 202 9.74 15.93 13.59
CA SER A 202 11.14 15.61 13.84
C SER A 202 11.37 15.28 15.31
N SER A 203 10.33 15.51 16.11
CA SER A 203 10.34 15.21 17.53
C SER A 203 8.92 14.95 18.00
N PRO A 204 8.76 14.06 19.00
CA PRO A 204 7.44 13.80 19.57
C PRO A 204 6.84 15.07 20.18
N VAL A 205 5.59 15.37 19.82
CA VAL A 205 4.90 16.55 20.32
C VAL A 205 4.01 16.20 21.51
N THR A 206 4.13 16.96 22.59
CA THR A 206 3.35 16.69 23.79
C THR A 206 2.41 17.82 24.16
N LYS A 207 1.11 17.50 24.23
CA LYS A 207 0.12 18.44 24.73
C LYS A 207 -0.34 17.98 26.10
N SER A 208 -0.33 18.87 27.08
CA SER A 208 -0.67 18.50 28.44
C SER A 208 -1.41 19.61 29.19
N PHE A 209 -2.06 19.23 30.27
CA PHE A 209 -2.74 20.18 31.14
C PHE A 209 -2.62 19.74 32.59
N ASN A 210 -2.58 20.70 33.50
CA ASN A 210 -2.71 20.39 34.93
C ASN A 210 -4.18 20.49 35.31
N ARG A 211 -4.68 19.48 36.01
CA ARG A 211 -6.10 19.43 36.39
C ARG A 211 -6.52 20.65 37.20
N GLY A 212 -7.38 21.47 36.59
CA GLY A 212 -7.83 22.71 37.21
C GLY A 212 -6.93 23.87 36.84
N ALA A 213 -6.22 23.73 35.72
CA ALA A 213 -5.26 24.73 35.23
C ALA A 213 -4.13 25.06 36.21
N GLN B 1 -37.56 14.40 -9.08
CA GLN B 1 -36.34 13.81 -8.52
C GLN B 1 -36.64 12.47 -7.84
N VAL B 2 -36.06 11.40 -8.37
CA VAL B 2 -36.26 10.06 -7.84
C VAL B 2 -35.58 9.88 -6.48
N GLN B 3 -36.35 9.44 -5.49
CA GLN B 3 -35.82 9.24 -4.14
C GLN B 3 -36.41 8.01 -3.46
N LEU B 4 -35.63 7.43 -2.56
CA LEU B 4 -36.09 6.32 -1.73
C LEU B 4 -35.64 6.57 -0.30
N LYS B 5 -36.58 6.67 0.63
CA LYS B 5 -36.25 6.93 2.03
C LYS B 5 -36.77 5.85 2.95
N GLN B 6 -35.84 5.20 3.66
CA GLN B 6 -36.16 4.07 4.53
C GLN B 6 -36.45 4.53 5.96
N SER B 7 -37.09 3.67 6.73
CA SER B 7 -37.39 3.95 8.12
C SER B 7 -36.13 3.93 9.00
N GLY B 8 -36.26 4.48 10.21
CA GLY B 8 -35.14 4.68 11.12
C GLY B 8 -34.38 3.44 11.59
N PRO B 9 -33.10 3.64 11.89
CA PRO B 9 -32.17 2.59 12.33
C PRO B 9 -32.62 1.88 13.61
N GLY B 10 -32.54 0.56 13.58
CA GLY B 10 -33.26 -0.23 14.55
C GLY B 10 -32.49 -1.36 15.21
N LEU B 11 -32.92 -1.65 16.43
CA LEU B 11 -32.43 -2.78 17.21
C LEU B 11 -33.45 -3.91 17.11
N VAL B 12 -32.96 -5.13 16.91
CA VAL B 12 -33.83 -6.29 16.80
C VAL B 12 -33.37 -7.41 17.72
N GLN B 13 -34.25 -7.87 18.60
CA GLN B 13 -33.96 -8.97 19.49
C GLN B 13 -33.68 -10.25 18.70
N PRO B 14 -32.81 -11.12 19.23
CA PRO B 14 -32.52 -12.40 18.56
C PRO B 14 -33.80 -13.22 18.34
N SER B 15 -33.89 -13.86 17.18
CA SER B 15 -35.05 -14.68 16.79
C SER B 15 -36.35 -13.89 16.61
N GLN B 16 -36.24 -12.56 16.56
CA GLN B 16 -37.41 -11.72 16.34
C GLN B 16 -37.47 -11.20 14.90
N SER B 17 -38.45 -10.36 14.62
CA SER B 17 -38.72 -9.91 13.26
C SER B 17 -38.12 -8.53 12.96
N LEU B 18 -37.80 -8.31 11.69
CA LEU B 18 -37.29 -7.04 11.21
C LEU B 18 -38.25 -6.41 10.23
N SER B 19 -38.59 -5.14 10.43
CA SER B 19 -39.51 -4.44 9.54
C SER B 19 -38.96 -3.09 9.10
N ILE B 20 -38.82 -2.92 7.79
CA ILE B 20 -38.36 -1.66 7.23
C ILE B 20 -39.34 -1.16 6.16
N THR B 21 -39.66 0.12 6.20
CA THR B 21 -40.55 0.73 5.22
C THR B 21 -39.78 1.60 4.23
N CYS B 22 -39.97 1.33 2.94
CA CYS B 22 -39.33 2.13 1.89
C CYS B 22 -40.37 3.04 1.23
N THR B 23 -40.22 4.35 1.48
CA THR B 23 -41.12 5.33 0.89
C THR B 23 -40.46 5.99 -0.31
N VAL B 24 -41.11 5.91 -1.46
CA VAL B 24 -40.51 6.42 -2.69
C VAL B 24 -41.22 7.66 -3.23
N SER B 25 -40.50 8.41 -4.05
CA SER B 25 -41.06 9.58 -4.72
C SER B 25 -40.31 9.80 -6.03
N GLY B 26 -40.90 10.58 -6.93
CA GLY B 26 -40.29 10.83 -8.22
C GLY B 26 -40.70 9.81 -9.27
N PHE B 27 -41.39 8.76 -8.82
CA PHE B 27 -41.90 7.74 -9.72
C PHE B 27 -43.01 6.94 -9.04
N SER B 28 -43.70 6.11 -9.82
CA SER B 28 -44.79 5.29 -9.29
C SER B 28 -44.34 3.85 -9.10
N LEU B 29 -44.82 3.21 -8.03
CA LEU B 29 -44.49 1.82 -7.75
C LEU B 29 -45.17 0.87 -8.73
N THR B 30 -46.09 1.40 -9.53
CA THR B 30 -46.80 0.61 -10.52
C THR B 30 -46.00 0.51 -11.81
N ASN B 31 -44.96 1.32 -11.92
CA ASN B 31 -44.14 1.35 -13.13
C ASN B 31 -42.76 0.72 -12.93
N TYR B 32 -42.27 0.74 -11.69
CA TYR B 32 -40.95 0.20 -11.40
C TYR B 32 -40.98 -0.80 -10.25
N GLY B 33 -40.03 -1.73 -10.26
CA GLY B 33 -39.90 -2.69 -9.19
C GLY B 33 -38.92 -2.22 -8.15
N VAL B 34 -39.14 -2.62 -6.89
CA VAL B 34 -38.26 -2.23 -5.81
C VAL B 34 -37.50 -3.42 -5.25
N HIS B 35 -36.17 -3.33 -5.29
CA HIS B 35 -35.30 -4.40 -4.81
C HIS B 35 -34.82 -4.15 -3.40
N TRP B 36 -34.35 -5.20 -2.75
CA TRP B 36 -33.80 -5.11 -1.40
C TRP B 36 -32.42 -5.77 -1.32
N VAL B 37 -31.44 -5.00 -0.86
CA VAL B 37 -30.06 -5.46 -0.78
C VAL B 37 -29.47 -5.13 0.59
N ARG B 38 -28.72 -6.06 1.16
CA ARG B 38 -28.08 -5.83 2.46
C ARG B 38 -26.57 -5.88 2.36
N GLN B 39 -25.90 -5.38 3.40
CA GLN B 39 -24.45 -5.31 3.40
C GLN B 39 -23.91 -5.67 4.77
N SER B 40 -23.20 -6.78 4.86
CA SER B 40 -22.76 -7.27 6.17
C SER B 40 -21.27 -7.50 6.17
N PRO B 41 -20.66 -7.49 7.36
CA PRO B 41 -19.21 -7.69 7.43
C PRO B 41 -18.80 -9.03 6.85
N GLY B 42 -19.55 -10.06 7.17
CA GLY B 42 -19.24 -11.38 6.69
C GLY B 42 -19.66 -11.74 5.28
N LYS B 43 -20.68 -11.08 4.73
CA LYS B 43 -21.16 -11.50 3.40
C LYS B 43 -21.08 -10.43 2.33
N GLY B 44 -20.70 -9.21 2.73
CA GLY B 44 -20.63 -8.10 1.80
C GLY B 44 -21.99 -7.73 1.26
N LEU B 45 -22.03 -7.24 0.04
CA LEU B 45 -23.29 -6.92 -0.62
C LEU B 45 -24.03 -8.20 -1.00
N GLU B 46 -25.32 -8.23 -0.73
CA GLU B 46 -26.11 -9.44 -0.89
C GLU B 46 -27.53 -9.12 -1.35
N TRP B 47 -27.91 -9.61 -2.52
CA TRP B 47 -29.25 -9.39 -3.04
C TRP B 47 -30.27 -10.24 -2.31
N LEU B 48 -31.29 -9.59 -1.75
CA LEU B 48 -32.29 -10.28 -0.93
C LEU B 48 -33.56 -10.62 -1.71
N GLY B 49 -34.20 -9.60 -2.28
CA GLY B 49 -35.44 -9.81 -2.99
C GLY B 49 -35.92 -8.60 -3.77
N VAL B 50 -37.11 -8.73 -4.37
CA VAL B 50 -37.69 -7.66 -5.18
C VAL B 50 -39.20 -7.82 -5.31
N ILE B 51 -39.92 -6.71 -5.20
CA ILE B 51 -41.33 -6.70 -5.54
C ILE B 51 -41.52 -5.92 -6.85
N TRP B 52 -42.15 -6.56 -7.82
CA TRP B 52 -42.28 -5.98 -9.16
C TRP B 52 -43.45 -5.04 -9.28
N SER B 53 -43.63 -4.45 -10.46
CA SER B 53 -44.72 -3.51 -10.69
C SER B 53 -46.08 -4.14 -10.47
N GLY B 54 -46.24 -5.38 -10.93
CA GLY B 54 -47.50 -6.09 -10.83
C GLY B 54 -47.77 -6.71 -9.46
N GLY B 55 -46.78 -6.65 -8.58
CA GLY B 55 -46.94 -7.18 -7.24
C GLY B 55 -46.27 -8.51 -7.01
N ASN B 56 -45.72 -9.10 -8.08
CA ASN B 56 -45.01 -10.36 -7.96
C ASN B 56 -43.74 -10.21 -7.13
N THR B 57 -43.35 -11.27 -6.44
CA THR B 57 -42.16 -11.22 -5.58
C THR B 57 -41.18 -12.34 -5.85
N ASP B 58 -39.90 -11.99 -5.92
CA ASP B 58 -38.83 -12.97 -5.99
C ASP B 58 -37.92 -12.82 -4.78
N TYR B 59 -37.64 -13.94 -4.12
CA TYR B 59 -36.77 -13.94 -2.95
C TYR B 59 -35.54 -14.80 -3.23
N ASN B 60 -34.37 -14.28 -2.87
CA ASN B 60 -33.13 -15.04 -3.03
C ASN B 60 -33.21 -16.33 -2.24
N THR B 61 -32.63 -17.40 -2.79
CA THR B 61 -32.78 -18.75 -2.26
C THR B 61 -32.70 -18.93 -0.73
N PRO B 62 -31.65 -18.41 -0.08
CA PRO B 62 -31.57 -18.68 1.37
C PRO B 62 -32.46 -17.76 2.22
N PHE B 63 -33.45 -17.12 1.61
CA PHE B 63 -34.34 -16.22 2.34
C PHE B 63 -35.81 -16.48 2.03
N THR B 64 -36.07 -17.41 1.10
CA THR B 64 -37.43 -17.70 0.63
C THR B 64 -38.43 -17.97 1.75
N SER B 65 -37.95 -18.56 2.84
CA SER B 65 -38.82 -18.96 3.95
C SER B 65 -39.14 -17.81 4.90
N ARG B 66 -38.14 -17.00 5.24
CA ARG B 66 -38.32 -15.97 6.26
C ARG B 66 -38.45 -14.55 5.71
N LEU B 67 -38.46 -14.41 4.39
CA LEU B 67 -38.59 -13.09 3.79
C LEU B 67 -40.02 -12.81 3.31
N SER B 68 -40.42 -11.54 3.36
CA SER B 68 -41.76 -11.14 2.96
C SER B 68 -41.80 -9.67 2.54
N ILE B 69 -42.05 -9.43 1.26
CA ILE B 69 -42.11 -8.07 0.74
C ILE B 69 -43.51 -7.68 0.28
N ASN B 70 -43.99 -6.54 0.73
CA ASN B 70 -45.30 -6.03 0.34
C ASN B 70 -45.23 -4.55 0.01
N LYS B 71 -46.31 -4.01 -0.55
CA LYS B 71 -46.33 -2.59 -0.91
C LYS B 71 -47.72 -1.99 -0.95
N ASP B 72 -47.76 -0.65 -0.93
CA ASP B 72 -48.99 0.10 -1.12
C ASP B 72 -48.73 1.17 -2.19
N ASN B 73 -49.16 0.88 -3.41
CA ASN B 73 -48.95 1.77 -4.55
C ASN B 73 -49.48 3.19 -4.32
N SER B 74 -50.61 3.28 -3.62
CA SER B 74 -51.22 4.57 -3.31
C SER B 74 -50.34 5.39 -2.39
N LYS B 75 -49.82 4.76 -1.34
CA LYS B 75 -48.99 5.45 -0.36
C LYS B 75 -47.52 5.43 -0.75
N SER B 76 -47.22 4.82 -1.89
CA SER B 76 -45.84 4.71 -2.40
C SER B 76 -44.88 4.10 -1.38
N GLN B 77 -45.35 3.10 -0.65
CA GLN B 77 -44.55 2.48 0.40
C GLN B 77 -44.30 1.00 0.11
N VAL B 78 -43.06 0.58 0.29
CA VAL B 78 -42.70 -0.83 0.16
C VAL B 78 -42.39 -1.38 1.54
N PHE B 79 -42.93 -2.55 1.85
CA PHE B 79 -42.77 -3.12 3.20
C PHE B 79 -41.89 -4.36 3.22
N PHE B 80 -40.74 -4.24 3.88
CA PHE B 80 -39.79 -5.32 4.01
C PHE B 80 -39.95 -5.98 5.38
N LYS B 81 -40.14 -7.29 5.39
CA LYS B 81 -40.27 -8.01 6.65
C LYS B 81 -39.54 -9.34 6.62
N MET B 82 -38.51 -9.46 7.46
CA MET B 82 -37.75 -10.70 7.58
C MET B 82 -37.91 -11.30 8.97
N ASN B 83 -38.14 -12.61 9.02
CA ASN B 83 -38.37 -13.30 10.29
C ASN B 83 -37.13 -13.99 10.84
N SER B 84 -37.15 -14.28 12.13
CA SER B 84 -36.13 -15.09 12.79
C SER B 84 -34.70 -14.58 12.58
N LEU B 85 -34.42 -13.39 13.08
CA LEU B 85 -33.09 -12.79 12.92
C LEU B 85 -32.09 -13.32 13.93
N GLN B 86 -30.88 -13.58 13.44
CA GLN B 86 -29.76 -13.97 14.28
C GLN B 86 -28.65 -12.95 14.15
N SER B 87 -27.53 -13.19 14.81
CA SER B 87 -26.46 -12.21 14.85
C SER B 87 -25.86 -11.90 13.50
N ASN B 88 -25.75 -12.90 12.64
CA ASN B 88 -25.13 -12.69 11.34
C ASN B 88 -26.12 -12.07 10.34
N ASP B 89 -27.25 -11.59 10.86
CA ASP B 89 -28.24 -10.90 10.05
C ASP B 89 -28.05 -9.42 10.34
N THR B 90 -27.15 -9.14 11.27
CA THR B 90 -26.78 -7.75 11.55
C THR B 90 -26.07 -7.16 10.32
N ALA B 91 -26.72 -6.19 9.70
CA ALA B 91 -26.18 -5.56 8.49
C ALA B 91 -26.91 -4.26 8.16
N ILE B 92 -26.42 -3.58 7.13
CA ILE B 92 -27.09 -2.40 6.60
C ILE B 92 -28.00 -2.80 5.46
N TYR B 93 -29.28 -2.47 5.59
CA TYR B 93 -30.28 -2.87 4.61
C TYR B 93 -30.69 -1.71 3.71
N TYR B 94 -30.69 -1.95 2.41
CA TYR B 94 -31.07 -0.94 1.44
C TYR B 94 -32.30 -1.36 0.65
N CYS B 95 -33.10 -0.37 0.26
CA CYS B 95 -34.09 -0.58 -0.79
C CYS B 95 -33.57 0.15 -2.02
N ALA B 96 -33.83 -0.38 -3.21
CA ALA B 96 -33.25 0.19 -4.42
C ALA B 96 -34.14 0.06 -5.64
N ARG B 97 -33.94 0.96 -6.60
CA ARG B 97 -34.66 0.90 -7.87
C ARG B 97 -33.68 0.87 -9.04
N ALA B 98 -34.03 0.09 -10.05
CA ALA B 98 -33.18 -0.04 -11.23
C ALA B 98 -33.47 1.10 -12.21
N LEU B 99 -32.64 1.19 -13.25
CA LEU B 99 -32.84 2.15 -14.34
C LEU B 99 -34.14 1.90 -15.09
N THR B 100 -34.39 0.65 -15.44
CA THR B 100 -35.58 0.29 -16.19
C THR B 100 -36.39 -0.72 -15.39
N TYR B 101 -37.68 -0.80 -15.70
CA TYR B 101 -38.63 -1.54 -14.85
C TYR B 101 -38.33 -3.02 -14.60
N TYR B 102 -37.63 -3.67 -15.54
CA TYR B 102 -37.41 -5.11 -15.50
C TYR B 102 -36.00 -5.49 -15.08
N ASP B 103 -35.12 -4.49 -15.00
CA ASP B 103 -33.68 -4.74 -14.89
C ASP B 103 -33.13 -4.72 -13.46
N TYR B 104 -31.81 -4.84 -13.33
CA TYR B 104 -31.19 -4.99 -12.03
C TYR B 104 -30.00 -4.05 -11.79
N GLU B 105 -29.80 -3.07 -12.65
CA GLU B 105 -28.74 -2.09 -12.41
C GLU B 105 -29.25 -0.98 -11.50
N PHE B 106 -28.80 -1.00 -10.25
CA PHE B 106 -29.36 -0.15 -9.22
C PHE B 106 -28.79 1.26 -9.23
N ALA B 107 -29.53 2.17 -9.85
CA ALA B 107 -29.08 3.55 -9.99
C ALA B 107 -29.59 4.42 -8.85
N TYR B 108 -30.56 3.90 -8.10
CA TYR B 108 -31.13 4.64 -6.98
C TYR B 108 -31.18 3.79 -5.73
N TRP B 109 -30.71 4.33 -4.62
CA TRP B 109 -30.64 3.59 -3.36
C TRP B 109 -31.25 4.38 -2.21
N GLY B 110 -31.76 3.67 -1.22
CA GLY B 110 -32.17 4.28 0.03
C GLY B 110 -30.93 4.63 0.81
N GLN B 111 -31.08 5.46 1.84
CA GLN B 111 -29.93 5.91 2.61
C GLN B 111 -29.37 4.80 3.49
N GLY B 112 -30.11 3.68 3.56
CA GLY B 112 -29.67 2.53 4.31
C GLY B 112 -30.27 2.48 5.70
N THR B 113 -30.40 1.27 6.24
CA THR B 113 -30.92 1.10 7.59
C THR B 113 -30.03 0.13 8.37
N LEU B 114 -29.24 0.67 9.29
CA LEU B 114 -28.35 -0.15 10.09
C LEU B 114 -29.13 -0.97 11.12
N VAL B 115 -29.17 -2.28 10.90
CA VAL B 115 -29.89 -3.19 11.78
C VAL B 115 -28.92 -3.95 12.68
N THR B 116 -29.15 -3.86 13.99
CA THR B 116 -28.31 -4.55 14.96
C THR B 116 -29.10 -5.61 15.69
N VAL B 117 -28.66 -6.86 15.59
CA VAL B 117 -29.34 -7.96 16.27
C VAL B 117 -28.68 -8.26 17.61
N SER B 118 -29.38 -7.91 18.69
CA SER B 118 -28.84 -8.09 20.03
C SER B 118 -29.96 -8.21 21.06
N ALA B 119 -29.66 -8.86 22.17
CA ALA B 119 -30.60 -8.99 23.27
C ALA B 119 -30.53 -7.76 24.18
N ALA B 120 -29.45 -6.99 24.03
CA ALA B 120 -29.24 -5.80 24.84
C ALA B 120 -30.32 -4.76 24.62
N SER B 121 -30.43 -3.83 25.56
CA SER B 121 -31.46 -2.79 25.50
C SER B 121 -30.92 -1.48 24.94
N THR B 122 -31.83 -0.65 24.44
CA THR B 122 -31.46 0.62 23.84
C THR B 122 -31.14 1.66 24.92
N LYS B 123 -30.03 2.37 24.76
CA LYS B 123 -29.64 3.42 25.69
C LYS B 123 -29.21 4.69 24.97
N GLY B 124 -29.81 5.81 25.33
CA GLY B 124 -29.43 7.09 24.77
C GLY B 124 -28.08 7.54 25.30
N PRO B 125 -27.33 8.30 24.49
CA PRO B 125 -25.99 8.76 24.89
C PRO B 125 -26.02 10.02 25.73
N SER B 126 -24.90 10.30 26.39
CA SER B 126 -24.69 11.57 27.07
C SER B 126 -23.76 12.40 26.20
N VAL B 127 -24.03 13.68 26.09
CA VAL B 127 -23.19 14.55 25.26
C VAL B 127 -22.39 15.53 26.11
N PHE B 128 -21.07 15.46 26.00
CA PHE B 128 -20.19 16.32 26.77
C PHE B 128 -19.34 17.19 25.84
N PRO B 129 -19.05 18.43 26.27
CA PRO B 129 -18.30 19.36 25.42
C PRO B 129 -16.79 19.12 25.45
N LEU B 130 -16.16 19.22 24.29
CA LEU B 130 -14.71 19.27 24.21
C LEU B 130 -14.30 20.73 24.08
N ALA B 131 -14.19 21.40 25.21
CA ALA B 131 -13.97 22.85 25.23
C ALA B 131 -12.58 23.25 24.72
N PRO B 132 -12.54 24.27 23.84
CA PRO B 132 -11.29 24.82 23.34
C PRO B 132 -10.60 25.69 24.38
N SER B 133 -9.28 25.81 24.29
CA SER B 133 -8.52 26.62 25.23
C SER B 133 -7.37 27.36 24.53
N GLY B 139 -2.27 27.86 16.10
CA GLY B 139 -1.82 29.12 15.53
C GLY B 139 -2.98 29.92 14.98
N GLY B 140 -3.77 30.51 15.87
CA GLY B 140 -4.95 31.25 15.48
C GLY B 140 -6.10 30.35 15.11
N THR B 141 -5.92 29.05 15.31
CA THR B 141 -6.94 28.05 15.01
C THR B 141 -7.33 27.31 16.28
N ALA B 142 -8.63 27.31 16.59
CA ALA B 142 -9.12 26.65 17.79
C ALA B 142 -9.83 25.35 17.46
N ALA B 143 -9.57 24.31 18.26
CA ALA B 143 -10.25 23.04 18.07
C ALA B 143 -11.26 22.81 19.18
N LEU B 144 -12.45 22.37 18.81
CA LEU B 144 -13.50 22.07 19.77
C LEU B 144 -14.35 20.93 19.26
N GLY B 145 -15.16 20.35 20.14
CA GLY B 145 -16.01 19.25 19.73
C GLY B 145 -16.97 18.75 20.80
N CYS B 146 -17.61 17.63 20.51
CA CYS B 146 -18.53 17.00 21.44
C CYS B 146 -18.19 15.54 21.69
N LEU B 147 -18.37 15.10 22.93
CA LEU B 147 -18.16 13.71 23.29
C LEU B 147 -19.50 12.99 23.46
N VAL B 148 -19.83 12.16 22.47
CA VAL B 148 -21.08 11.38 22.51
C VAL B 148 -20.79 10.00 23.08
N LYS B 149 -21.16 9.80 24.35
CA LYS B 149 -20.71 8.64 25.10
C LYS B 149 -21.85 7.75 25.62
N ASP B 150 -21.58 6.45 25.68
CA ASP B 150 -22.45 5.46 26.30
C ASP B 150 -23.83 5.32 25.66
N TYR B 151 -23.86 4.85 24.41
CA TYR B 151 -25.12 4.60 23.72
C TYR B 151 -25.16 3.25 23.03
N PHE B 152 -26.37 2.77 22.76
CA PHE B 152 -26.58 1.51 22.07
C PHE B 152 -28.00 1.45 21.53
N PRO B 153 -28.16 0.97 20.29
CA PRO B 153 -27.05 0.58 19.41
C PRO B 153 -26.64 1.72 18.51
N GLU B 154 -25.83 1.42 17.50
CA GLU B 154 -25.52 2.38 16.46
C GLU B 154 -26.74 2.53 15.56
N PRO B 155 -26.84 3.65 14.83
CA PRO B 155 -25.90 4.77 14.75
C PRO B 155 -26.38 6.02 15.48
N VAL B 156 -25.53 7.05 15.46
CA VAL B 156 -25.89 8.36 15.96
C VAL B 156 -25.46 9.39 14.92
N THR B 157 -26.32 10.36 14.67
CA THR B 157 -26.01 11.41 13.71
C THR B 157 -25.51 12.65 14.43
N VAL B 158 -24.44 13.24 13.90
CA VAL B 158 -23.89 14.46 14.48
C VAL B 158 -23.65 15.51 13.41
N SER B 159 -24.20 16.70 13.64
CA SER B 159 -23.97 17.84 12.77
C SER B 159 -23.57 19.05 13.62
N TRP B 160 -23.18 20.13 12.95
CA TRP B 160 -22.77 21.35 13.66
C TRP B 160 -23.54 22.57 13.18
N ASN B 161 -24.10 23.31 14.13
CA ASN B 161 -24.87 24.52 13.85
C ASN B 161 -26.01 24.28 12.86
N SER B 162 -26.73 23.18 13.09
CA SER B 162 -27.88 22.79 12.27
C SER B 162 -27.53 22.59 10.80
N GLY B 163 -26.33 22.10 10.54
CA GLY B 163 -25.91 21.81 9.18
C GLY B 163 -25.16 22.95 8.50
N ALA B 164 -25.16 24.12 9.12
CA ALA B 164 -24.50 25.29 8.56
C ALA B 164 -22.98 25.21 8.64
N LEU B 165 -22.48 24.38 9.54
CA LEU B 165 -21.04 24.24 9.72
C LEU B 165 -20.57 22.84 9.32
N THR B 166 -19.81 22.78 8.22
CA THR B 166 -19.31 21.50 7.72
C THR B 166 -17.81 21.53 7.52
N SER B 167 -17.28 22.71 7.22
CA SER B 167 -15.86 22.86 6.97
C SER B 167 -15.04 22.64 8.23
N GLY B 168 -14.17 21.63 8.19
CA GLY B 168 -13.28 21.35 9.30
C GLY B 168 -13.83 20.33 10.27
N VAL B 169 -15.02 19.80 9.97
CA VAL B 169 -15.67 18.85 10.84
C VAL B 169 -15.15 17.42 10.64
N HIS B 170 -14.77 16.77 11.74
CA HIS B 170 -14.40 15.36 11.71
C HIS B 170 -15.22 14.59 12.74
N THR B 171 -16.13 13.76 12.26
CA THR B 171 -16.88 12.88 13.14
C THR B 171 -16.28 11.47 13.11
N PHE B 172 -15.59 11.11 14.17
CA PHE B 172 -14.88 9.83 14.23
C PHE B 172 -15.81 8.64 14.29
N PRO B 173 -15.36 7.50 13.74
CA PRO B 173 -16.11 6.24 13.82
C PRO B 173 -16.34 5.86 15.28
N ALA B 174 -17.50 5.28 15.57
CA ALA B 174 -17.82 4.87 16.93
C ALA B 174 -16.97 3.68 17.35
N VAL B 175 -16.47 3.72 18.59
CA VAL B 175 -15.73 2.60 19.13
C VAL B 175 -16.55 1.88 20.21
N LEU B 176 -16.47 0.56 20.22
CA LEU B 176 -17.21 -0.24 21.19
C LEU B 176 -16.43 -0.35 22.49
N GLN B 177 -17.01 0.19 23.57
CA GLN B 177 -16.38 0.11 24.87
C GLN B 177 -16.59 -1.26 25.50
N SER B 178 -15.84 -1.56 26.56
CA SER B 178 -15.93 -2.85 27.23
C SER B 178 -17.30 -3.06 27.86
N SER B 179 -18.02 -1.97 28.09
CA SER B 179 -19.35 -2.02 28.68
C SER B 179 -20.40 -2.49 27.66
N GLY B 180 -19.98 -2.59 26.40
CA GLY B 180 -20.89 -2.98 25.34
C GLY B 180 -21.67 -1.78 24.82
N LEU B 181 -21.26 -0.59 25.25
CA LEU B 181 -21.89 0.65 24.81
C LEU B 181 -20.94 1.41 23.89
N TYR B 182 -21.50 2.05 22.86
CA TYR B 182 -20.68 2.78 21.91
C TYR B 182 -20.33 4.18 22.40
N SER B 183 -19.34 4.78 21.76
CA SER B 183 -18.88 6.12 22.10
C SER B 183 -18.11 6.73 20.94
N LEU B 184 -18.38 8.00 20.64
CA LEU B 184 -17.61 8.71 19.62
C LEU B 184 -17.42 10.18 19.96
N SER B 185 -16.48 10.82 19.27
CA SER B 185 -16.29 12.26 19.36
C SER B 185 -16.40 12.88 17.98
N SER B 186 -16.95 14.09 17.93
CA SER B 186 -17.01 14.86 16.70
C SER B 186 -16.33 16.19 16.93
N VAL B 187 -15.34 16.51 16.11
CA VAL B 187 -14.55 17.73 16.31
C VAL B 187 -14.69 18.68 15.12
N VAL B 188 -14.20 19.90 15.31
CA VAL B 188 -14.23 20.91 14.26
C VAL B 188 -13.21 22.00 14.59
N THR B 189 -12.46 22.43 13.59
CA THR B 189 -11.50 23.52 13.77
C THR B 189 -12.09 24.85 13.29
N VAL B 190 -12.00 25.87 14.14
CA VAL B 190 -12.53 27.19 13.82
C VAL B 190 -11.50 28.25 14.15
N PRO B 191 -11.63 29.46 13.55
CA PRO B 191 -10.77 30.57 13.97
C PRO B 191 -11.02 30.91 15.44
N SER B 192 -9.95 31.07 16.20
CA SER B 192 -10.06 31.33 17.63
C SER B 192 -10.71 32.68 17.93
N SER B 193 -10.67 33.58 16.97
CA SER B 193 -11.26 34.91 17.14
C SER B 193 -12.78 34.88 16.97
N SER B 194 -13.31 33.74 16.54
CA SER B 194 -14.74 33.59 16.33
CA SER B 194 -14.75 33.60 16.33
C SER B 194 -15.43 32.98 17.55
N LEU B 195 -14.65 32.62 18.55
CA LEU B 195 -15.20 32.02 19.76
C LEU B 195 -16.04 33.00 20.57
N GLY B 196 -15.79 34.29 20.36
CA GLY B 196 -16.56 35.32 21.04
C GLY B 196 -17.78 35.72 20.22
N THR B 197 -17.62 35.74 18.91
CA THR B 197 -18.68 36.14 18.00
C THR B 197 -19.65 35.00 17.72
N GLN B 198 -19.11 33.85 17.28
CA GLN B 198 -19.93 32.74 16.83
C GLN B 198 -20.33 31.79 17.95
N THR B 199 -21.48 31.15 17.78
CA THR B 199 -21.92 30.09 18.68
C THR B 199 -21.77 28.75 17.99
N TYR B 200 -21.25 27.76 18.72
CA TYR B 200 -21.03 26.44 18.15
C TYR B 200 -21.82 25.37 18.90
N ILE B 201 -22.70 24.70 18.18
CA ILE B 201 -23.55 23.67 18.77
C ILE B 201 -23.47 22.39 17.96
N CYS B 202 -23.22 21.26 18.63
CA CYS B 202 -23.28 19.98 17.96
C CYS B 202 -24.68 19.40 18.11
N ASN B 203 -25.28 19.03 16.98
CA ASN B 203 -26.62 18.47 16.97
C ASN B 203 -26.56 16.95 16.98
N VAL B 204 -26.81 16.38 18.16
CA VAL B 204 -26.71 14.93 18.33
C VAL B 204 -28.09 14.29 18.28
N ASN B 205 -28.21 13.23 17.49
CA ASN B 205 -29.47 12.51 17.37
C ASN B 205 -29.28 10.99 17.37
N HIS B 206 -29.78 10.35 18.43
CA HIS B 206 -29.75 8.89 18.53
C HIS B 206 -31.17 8.35 18.36
N LYS B 207 -31.59 8.20 17.11
CA LYS B 207 -32.94 7.75 16.77
C LYS B 207 -33.42 6.43 17.40
N PRO B 208 -32.53 5.43 17.57
CA PRO B 208 -32.98 4.22 18.26
C PRO B 208 -33.59 4.45 19.66
N SER B 209 -33.24 5.55 20.30
CA SER B 209 -33.74 5.84 21.65
C SER B 209 -34.49 7.16 21.71
N ASN B 210 -34.68 7.78 20.56
CA ASN B 210 -35.34 9.08 20.45
C ASN B 210 -34.65 10.16 21.30
N THR B 211 -33.33 10.04 21.42
CA THR B 211 -32.55 11.01 22.17
C THR B 211 -31.99 12.07 21.22
N LYS B 212 -32.48 13.30 21.36
CA LYS B 212 -32.07 14.38 20.49
C LYS B 212 -31.54 15.54 21.34
N VAL B 213 -30.24 15.78 21.27
CA VAL B 213 -29.59 16.77 22.13
C VAL B 213 -28.75 17.79 21.34
N ASP B 214 -28.97 19.06 21.64
CA ASP B 214 -28.11 20.13 21.13
C ASP B 214 -27.16 20.57 22.24
N LYS B 215 -25.86 20.42 21.99
CA LYS B 215 -24.88 20.76 23.01
C LYS B 215 -24.05 21.98 22.63
N ARG B 216 -24.18 23.04 23.41
CA ARG B 216 -23.42 24.26 23.20
C ARG B 216 -21.99 24.07 23.73
N VAL B 217 -21.00 24.33 22.88
CA VAL B 217 -19.61 24.16 23.28
C VAL B 217 -18.88 25.50 23.38
N GLU B 218 -18.59 25.89 24.62
CA GLU B 218 -17.92 27.15 24.90
C GLU B 218 -16.56 26.89 25.54
N PRO B 219 -15.65 27.88 25.45
CA PRO B 219 -14.41 27.79 26.21
C PRO B 219 -14.69 27.81 27.71
N LYS B 220 -14.09 26.91 28.47
CA LYS B 220 -14.31 26.84 29.91
C LYS B 220 -13.75 28.06 30.63
N ASP C 1 3.75 0.86 -32.56
CA ASP C 1 4.03 -0.32 -31.76
C ASP C 1 2.87 -0.68 -30.84
N ILE C 2 2.95 -1.88 -30.26
CA ILE C 2 1.94 -2.35 -29.32
C ILE C 2 2.25 -1.86 -27.91
N LEU C 3 1.32 -1.13 -27.31
CA LEU C 3 1.47 -0.69 -25.94
C LEU C 3 0.88 -1.73 -25.00
N LEU C 4 1.61 -2.03 -23.93
CA LEU C 4 1.13 -2.99 -22.95
C LEU C 4 0.93 -2.33 -21.59
N THR C 5 -0.28 -2.41 -21.06
CA THR C 5 -0.60 -1.80 -19.79
C THR C 5 -0.79 -2.85 -18.71
N GLN C 6 0.11 -2.87 -17.73
CA GLN C 6 0.01 -3.81 -16.62
C GLN C 6 -0.57 -3.13 -15.39
N SER C 7 -1.50 -3.82 -14.73
CA SER C 7 -2.12 -3.29 -13.52
C SER C 7 -2.39 -4.41 -12.52
N PRO C 8 -2.24 -4.12 -11.21
CA PRO C 8 -1.88 -2.82 -10.65
C PRO C 8 -0.37 -2.55 -10.75
N VAL C 9 0.03 -1.32 -10.52
CA VAL C 9 1.45 -0.98 -10.50
C VAL C 9 2.10 -1.66 -9.30
N ILE C 10 1.37 -1.72 -8.19
CA ILE C 10 1.83 -2.39 -6.99
C ILE C 10 0.78 -3.38 -6.52
N LEU C 11 1.17 -4.63 -6.31
CA LEU C 11 0.23 -5.65 -5.88
C LEU C 11 0.66 -6.28 -4.56
N SER C 12 0.03 -5.83 -3.47
CA SER C 12 0.35 -6.35 -2.15
C SER C 12 -0.67 -7.40 -1.72
N VAL C 13 -0.18 -8.58 -1.35
CA VAL C 13 -1.05 -9.69 -0.96
C VAL C 13 -0.55 -10.42 0.28
N SER C 14 -1.40 -11.29 0.81
CA SER C 14 -1.01 -12.15 1.92
C SER C 14 -0.57 -13.51 1.39
N PRO C 15 0.34 -14.18 2.11
CA PRO C 15 0.81 -15.49 1.64
C PRO C 15 -0.29 -16.55 1.63
N GLY C 16 -0.35 -17.35 0.58
CA GLY C 16 -1.36 -18.38 0.44
C GLY C 16 -2.49 -17.96 -0.48
N GLU C 17 -2.74 -16.65 -0.55
CA GLU C 17 -3.78 -16.11 -1.40
C GLU C 17 -3.49 -16.35 -2.88
N ARG C 18 -4.52 -16.22 -3.71
CA ARG C 18 -4.33 -16.29 -5.15
C ARG C 18 -3.99 -14.89 -5.68
N VAL C 19 -3.02 -14.82 -6.57
CA VAL C 19 -2.55 -13.55 -7.09
C VAL C 19 -2.83 -13.42 -8.59
N SER C 20 -3.33 -12.27 -9.00
CA SER C 20 -3.66 -12.03 -10.41
C SER C 20 -3.03 -10.77 -10.95
N PHE C 21 -2.15 -10.93 -11.94
CA PHE C 21 -1.53 -9.81 -12.63
C PHE C 21 -2.28 -9.54 -13.93
N SER C 22 -2.61 -8.29 -14.19
CA SER C 22 -3.32 -7.95 -15.41
C SER C 22 -2.39 -7.38 -16.48
N CYS C 23 -2.67 -7.69 -17.74
CA CYS C 23 -1.88 -7.16 -18.85
C CYS C 23 -2.80 -6.86 -20.03
N ARG C 24 -3.05 -5.58 -20.27
CA ARG C 24 -3.92 -5.17 -21.36
C ARG C 24 -3.12 -4.71 -22.58
N ALA C 25 -3.50 -5.22 -23.74
CA ALA C 25 -2.83 -4.85 -24.99
C ALA C 25 -3.56 -3.73 -25.70
N SER C 26 -2.80 -2.84 -26.33
CA SER C 26 -3.37 -1.69 -27.03
C SER C 26 -4.18 -2.10 -28.27
N GLN C 27 -4.02 -3.36 -28.68
CA GLN C 27 -4.86 -3.96 -29.71
C GLN C 27 -4.76 -5.48 -29.61
N SER C 28 -5.63 -6.18 -30.33
CA SER C 28 -5.68 -7.64 -30.25
C SER C 28 -4.36 -8.28 -30.69
N ILE C 29 -3.91 -9.27 -29.92
CA ILE C 29 -2.66 -9.96 -30.20
C ILE C 29 -2.79 -11.47 -30.07
N GLY C 30 -4.02 -11.98 -30.22
CA GLY C 30 -4.28 -13.40 -30.12
C GLY C 30 -3.91 -13.95 -28.76
N THR C 31 -3.00 -14.92 -28.75
CA THR C 31 -2.48 -15.48 -27.51
C THR C 31 -0.97 -15.30 -27.43
N ASN C 32 -0.45 -14.41 -28.26
CA ASN C 32 0.99 -14.20 -28.35
C ASN C 32 1.53 -13.32 -27.22
N ILE C 33 1.39 -13.80 -26.00
CA ILE C 33 1.90 -13.07 -24.83
C ILE C 33 2.79 -13.98 -23.97
N HIS C 34 3.84 -13.41 -23.40
CA HIS C 34 4.77 -14.15 -22.56
C HIS C 34 4.97 -13.43 -21.24
N TRP C 35 5.13 -14.20 -20.17
CA TRP C 35 5.30 -13.62 -18.84
C TRP C 35 6.69 -13.91 -18.28
N TYR C 36 7.23 -12.94 -17.55
CA TYR C 36 8.56 -13.08 -16.97
C TYR C 36 8.56 -12.70 -15.49
N GLN C 37 9.55 -13.20 -14.77
CA GLN C 37 9.74 -12.86 -13.37
C GLN C 37 11.17 -12.35 -13.16
N GLN C 38 11.30 -11.21 -12.51
CA GLN C 38 12.63 -10.67 -12.22
C GLN C 38 12.86 -10.47 -10.73
N ARG C 39 13.70 -11.31 -10.16
CA ARG C 39 14.08 -11.18 -8.76
C ARG C 39 15.22 -10.19 -8.61
N THR C 40 15.49 -9.77 -7.37
CA THR C 40 16.54 -8.78 -7.09
C THR C 40 17.90 -9.21 -7.63
N ASN C 41 18.56 -8.30 -8.35
CA ASN C 41 19.86 -8.54 -8.97
C ASN C 41 19.87 -9.66 -10.01
N GLY C 42 18.69 -10.08 -10.44
CA GLY C 42 18.58 -11.18 -11.39
C GLY C 42 18.14 -10.77 -12.77
N SER C 43 18.27 -11.69 -13.72
CA SER C 43 17.80 -11.49 -15.08
C SER C 43 16.38 -12.04 -15.20
N PRO C 44 15.60 -11.55 -16.18
CA PRO C 44 14.23 -12.02 -16.39
C PRO C 44 14.12 -13.54 -16.49
N ARG C 45 13.11 -14.10 -15.84
CA ARG C 45 12.90 -15.54 -15.81
C ARG C 45 11.56 -15.90 -16.47
N LEU C 46 11.62 -16.61 -17.58
CA LEU C 46 10.42 -16.96 -18.34
C LEU C 46 9.48 -17.87 -17.54
N LEU C 47 8.25 -17.40 -17.35
CA LEU C 47 7.26 -18.14 -16.57
C LEU C 47 6.23 -18.84 -17.47
N ILE C 48 5.59 -18.06 -18.33
CA ILE C 48 4.54 -18.56 -19.20
C ILE C 48 4.77 -18.09 -20.64
N LYS C 49 4.62 -18.99 -21.59
CA LYS C 49 4.70 -18.62 -23.00
C LYS C 49 3.34 -18.84 -23.69
N TYR C 50 3.04 -17.97 -24.65
CA TYR C 50 1.78 -18.02 -25.40
C TYR C 50 0.53 -18.10 -24.50
N ALA C 51 0.44 -17.14 -23.58
CA ALA C 51 -0.72 -16.97 -22.69
C ALA C 51 -0.91 -18.01 -21.60
N SER C 52 -0.85 -19.30 -21.94
CA SER C 52 -1.22 -20.34 -20.98
C SER C 52 -0.28 -21.54 -20.92
N GLU C 53 0.71 -21.58 -21.81
CA GLU C 53 1.62 -22.72 -21.87
C GLU C 53 2.73 -22.64 -20.83
N SER C 54 2.97 -23.75 -20.13
CA SER C 54 3.92 -23.79 -19.03
C SER C 54 5.37 -23.97 -19.51
N ILE C 55 6.31 -23.58 -18.65
CA ILE C 55 7.73 -23.67 -18.96
C ILE C 55 8.42 -24.66 -18.02
N SER C 56 9.37 -25.43 -18.56
CA SER C 56 10.11 -26.41 -17.78
C SER C 56 10.88 -25.76 -16.63
N GLY C 57 10.67 -26.29 -15.42
CA GLY C 57 11.36 -25.80 -14.24
C GLY C 57 10.51 -24.90 -13.37
N ILE C 58 9.53 -24.24 -13.99
CA ILE C 58 8.65 -23.32 -13.28
C ILE C 58 7.65 -24.10 -12.43
N PRO C 59 7.54 -23.74 -11.14
CA PRO C 59 6.61 -24.39 -10.21
C PRO C 59 5.17 -24.36 -10.70
N SER C 60 4.39 -25.38 -10.33
CA SER C 60 3.04 -25.57 -10.85
C SER C 60 2.09 -24.44 -10.48
N ARG C 61 2.44 -23.67 -9.45
CA ARG C 61 1.56 -22.62 -8.96
C ARG C 61 1.39 -21.47 -9.96
N PHE C 62 2.27 -21.41 -10.95
CA PHE C 62 2.17 -20.41 -12.00
C PHE C 62 1.29 -20.89 -13.16
N SER C 63 0.42 -20.02 -13.64
CA SER C 63 -0.44 -20.32 -14.77
C SER C 63 -0.87 -19.04 -15.46
N GLY C 64 -1.47 -19.16 -16.65
CA GLY C 64 -1.91 -18.01 -17.39
C GLY C 64 -3.18 -18.26 -18.19
N SER C 65 -3.84 -17.17 -18.58
CA SER C 65 -5.08 -17.27 -19.35
C SER C 65 -5.33 -15.97 -20.11
N GLY C 66 -6.26 -16.01 -21.05
CA GLY C 66 -6.63 -14.82 -21.80
C GLY C 66 -6.25 -14.86 -23.26
N SER C 67 -7.01 -14.15 -24.08
CA SER C 67 -6.73 -14.03 -25.51
C SER C 67 -7.35 -12.74 -26.04
N GLY C 68 -6.67 -12.13 -27.01
CA GLY C 68 -7.13 -10.88 -27.57
C GLY C 68 -6.37 -9.69 -27.01
N THR C 69 -6.92 -9.06 -25.99
CA THR C 69 -6.28 -7.89 -25.38
C THR C 69 -6.12 -8.03 -23.87
N ASP C 70 -6.91 -8.89 -23.24
CA ASP C 70 -6.88 -9.04 -21.80
C ASP C 70 -6.21 -10.35 -21.38
N PHE C 71 -5.13 -10.24 -20.62
CA PHE C 71 -4.36 -11.40 -20.19
C PHE C 71 -4.14 -11.41 -18.68
N THR C 72 -3.93 -12.60 -18.13
CA THR C 72 -3.82 -12.76 -16.69
C THR C 72 -2.77 -13.81 -16.29
N LEU C 73 -1.82 -13.40 -15.45
CA LEU C 73 -0.87 -14.33 -14.86
C LEU C 73 -1.32 -14.65 -13.44
N SER C 74 -1.50 -15.94 -13.14
CA SER C 74 -2.05 -16.34 -11.85
C SER C 74 -1.10 -17.19 -11.00
N ILE C 75 -1.06 -16.88 -9.71
CA ILE C 75 -0.36 -17.70 -8.73
C ILE C 75 -1.39 -18.12 -7.68
N ASN C 76 -1.80 -19.39 -7.73
CA ASN C 76 -2.89 -19.87 -6.88
C ASN C 76 -2.63 -19.74 -5.38
N SER C 77 -1.38 -19.96 -4.98
CA SER C 77 -1.00 -19.84 -3.58
C SER C 77 0.38 -19.20 -3.46
N VAL C 78 0.38 -17.87 -3.41
CA VAL C 78 1.63 -17.10 -3.41
C VAL C 78 2.51 -17.43 -2.22
N GLU C 79 3.82 -17.50 -2.46
CA GLU C 79 4.78 -17.76 -1.40
C GLU C 79 5.76 -16.60 -1.25
N SER C 80 6.55 -16.62 -0.18
CA SER C 80 7.48 -15.55 0.11
C SER C 80 8.62 -15.46 -0.90
N GLU C 81 8.86 -16.56 -1.61
CA GLU C 81 9.91 -16.60 -2.62
CA GLU C 81 9.91 -16.60 -2.62
CA GLU C 81 9.91 -16.60 -2.62
C GLU C 81 9.43 -16.01 -3.95
N ASP C 82 8.15 -15.68 -4.02
CA ASP C 82 7.57 -15.12 -5.23
C ASP C 82 7.74 -13.61 -5.29
N ILE C 83 8.31 -13.04 -4.23
CA ILE C 83 8.53 -11.59 -4.17
C ILE C 83 9.46 -11.13 -5.28
N ALA C 84 8.89 -10.50 -6.31
CA ALA C 84 9.65 -10.03 -7.45
C ALA C 84 8.80 -9.12 -8.32
N ASP C 85 9.37 -8.65 -9.43
CA ASP C 85 8.62 -7.90 -10.42
C ASP C 85 8.15 -8.85 -11.51
N TYR C 86 7.01 -8.55 -12.12
CA TYR C 86 6.44 -9.44 -13.12
C TYR C 86 6.07 -8.69 -14.40
N TYR C 87 6.63 -9.15 -15.51
CA TYR C 87 6.45 -8.47 -16.79
C TYR C 87 5.71 -9.34 -17.80
N CYS C 88 4.94 -8.69 -18.67
CA CYS C 88 4.32 -9.38 -19.79
C CYS C 88 4.97 -8.91 -21.09
N GLN C 89 4.98 -9.78 -22.09
CA GLN C 89 5.61 -9.46 -23.37
C GLN C 89 4.75 -9.93 -24.53
N GLN C 90 4.48 -9.03 -25.47
CA GLN C 90 3.74 -9.39 -26.67
C GLN C 90 4.67 -9.60 -27.85
N ASN C 91 4.29 -10.48 -28.76
CA ASN C 91 5.05 -10.69 -29.99
C ASN C 91 4.15 -11.11 -31.15
N ASN C 92 2.97 -10.51 -31.23
CA ASN C 92 2.11 -10.71 -32.37
C ASN C 92 2.43 -9.67 -33.44
N ASN C 93 3.03 -8.57 -33.01
CA ASN C 93 3.44 -7.50 -33.91
C ASN C 93 4.88 -7.07 -33.69
N TRP C 94 5.59 -6.81 -34.77
CA TRP C 94 6.99 -6.40 -34.69
C TRP C 94 7.08 -4.89 -34.43
N PRO C 95 7.98 -4.49 -33.52
CA PRO C 95 8.86 -5.36 -32.75
C PRO C 95 8.19 -5.86 -31.47
N THR C 96 8.77 -6.87 -30.84
CA THR C 96 8.23 -7.37 -29.58
C THR C 96 8.39 -6.30 -28.51
N THR C 97 7.33 -6.09 -27.74
CA THR C 97 7.35 -5.07 -26.69
C THR C 97 7.00 -5.67 -25.33
N PHE C 98 7.37 -4.94 -24.28
CA PHE C 98 7.15 -5.41 -22.92
C PHE C 98 6.25 -4.44 -22.17
N GLY C 99 5.59 -4.94 -21.11
CA GLY C 99 4.81 -4.08 -20.24
C GLY C 99 5.73 -3.35 -19.27
N ALA C 100 5.17 -2.41 -18.52
CA ALA C 100 5.96 -1.65 -17.56
C ALA C 100 6.26 -2.47 -16.31
N GLY C 101 5.42 -3.47 -16.04
CA GLY C 101 5.65 -4.37 -14.93
C GLY C 101 4.81 -4.11 -13.71
N THR C 102 4.66 -5.15 -12.88
CA THR C 102 3.92 -5.05 -11.63
C THR C 102 4.79 -5.58 -10.50
N LYS C 103 4.92 -4.81 -9.42
CA LYS C 103 5.70 -5.24 -8.27
C LYS C 103 4.84 -6.02 -7.29
N LEU C 104 5.36 -7.16 -6.83
CA LEU C 104 4.62 -8.03 -5.92
C LEU C 104 5.17 -7.94 -4.50
N GLU C 105 4.43 -7.23 -3.64
CA GLU C 105 4.80 -7.12 -2.24
C GLU C 105 4.02 -8.12 -1.41
N LEU C 106 4.60 -8.59 -0.33
CA LEU C 106 3.96 -9.51 0.56
C LEU C 106 3.67 -8.96 1.93
N LYS C 107 2.47 -9.17 2.43
CA LYS C 107 2.10 -8.72 3.76
C LYS C 107 2.50 -9.76 4.80
N ARG C 108 2.92 -9.29 5.96
CA ARG C 108 3.26 -10.17 7.07
C ARG C 108 3.03 -9.46 8.39
N THR C 109 3.18 -10.20 9.49
CA THR C 109 3.00 -9.63 10.81
C THR C 109 4.07 -8.58 11.10
N VAL C 110 3.70 -7.58 11.89
CA VAL C 110 4.60 -6.51 12.27
C VAL C 110 5.81 -7.06 13.05
N ALA C 111 7.00 -6.64 12.64
CA ALA C 111 8.23 -7.08 13.30
C ALA C 111 9.14 -5.91 13.64
N ALA C 112 9.53 -5.81 14.91
CA ALA C 112 10.41 -4.75 15.38
C ALA C 112 11.83 -4.95 14.83
N PRO C 113 12.50 -3.85 14.46
CA PRO C 113 13.88 -3.91 13.96
C PRO C 113 14.90 -4.13 15.07
N SER C 114 15.93 -4.90 14.79
CA SER C 114 17.06 -5.04 15.69
C SER C 114 18.11 -4.00 15.28
N VAL C 115 18.50 -3.16 16.24
CA VAL C 115 19.36 -2.01 15.93
C VAL C 115 20.81 -2.21 16.36
N PHE C 116 21.73 -1.89 15.46
CA PHE C 116 23.16 -1.97 15.73
C PHE C 116 23.84 -0.69 15.27
N ILE C 117 24.76 -0.17 16.08
CA ILE C 117 25.52 1.01 15.69
C ILE C 117 26.99 0.65 15.48
N PHE C 118 27.60 1.25 14.47
CA PHE C 118 29.00 0.99 14.14
C PHE C 118 29.81 2.28 14.13
N PRO C 119 30.85 2.34 14.97
CA PRO C 119 31.78 3.47 14.97
C PRO C 119 32.63 3.44 13.72
N PRO C 120 33.16 4.59 13.28
CA PRO C 120 34.08 4.60 12.15
C PRO C 120 35.39 3.91 12.52
N SER C 121 36.05 3.33 11.53
CA SER C 121 37.32 2.64 11.77
C SER C 121 38.48 3.62 11.76
N ASP C 122 39.57 3.25 12.42
CA ASP C 122 40.76 4.08 12.46
C ASP C 122 41.38 4.20 11.07
N GLU C 123 41.15 3.18 10.25
CA GLU C 123 41.67 3.15 8.90
CA GLU C 123 41.66 3.14 8.89
C GLU C 123 41.05 4.24 8.04
N GLN C 124 39.75 4.49 8.22
CA GLN C 124 39.03 5.50 7.46
C GLN C 124 39.38 6.91 7.96
N LEU C 125 39.58 7.03 9.26
CA LEU C 125 39.90 8.32 9.88
C LEU C 125 41.16 8.95 9.28
N LYS C 126 42.04 8.12 8.74
CA LYS C 126 43.25 8.64 8.10
C LYS C 126 42.92 9.49 6.87
N SER C 127 41.77 9.24 6.27
CA SER C 127 41.37 9.94 5.06
C SER C 127 40.64 11.25 5.36
N GLY C 128 40.53 11.58 6.65
CA GLY C 128 39.89 12.81 7.07
C GLY C 128 38.37 12.77 6.96
N THR C 129 37.82 11.57 7.12
CA THR C 129 36.37 11.38 7.04
C THR C 129 35.93 10.22 7.93
N ALA C 130 34.85 10.43 8.69
CA ALA C 130 34.30 9.39 9.55
C ALA C 130 32.90 8.99 9.09
N SER C 131 32.69 7.69 8.87
CA SER C 131 31.37 7.18 8.55
C SER C 131 30.79 6.42 9.73
N VAL C 132 29.64 6.88 10.22
CA VAL C 132 28.96 6.18 11.30
C VAL C 132 27.72 5.48 10.76
N VAL C 133 27.67 4.16 10.92
CA VAL C 133 26.61 3.36 10.34
C VAL C 133 25.67 2.79 11.41
N CYS C 134 24.37 2.88 11.14
CA CYS C 134 23.37 2.30 12.03
C CYS C 134 22.51 1.31 11.26
N LEU C 135 22.44 0.08 11.77
CA LEU C 135 21.70 -0.99 11.10
C LEU C 135 20.33 -1.26 11.74
N LEU C 136 19.30 -1.31 10.90
CA LEU C 136 17.97 -1.71 11.33
C LEU C 136 17.65 -3.03 10.64
N ASN C 137 17.67 -4.12 11.40
CA ASN C 137 17.64 -5.45 10.80
C ASN C 137 16.32 -6.20 10.89
N ASN C 138 15.90 -6.77 9.76
CA ASN C 138 14.74 -7.66 9.67
C ASN C 138 13.47 -7.11 10.32
N PHE C 139 12.92 -6.05 9.74
CA PHE C 139 11.72 -5.41 10.27
C PHE C 139 10.58 -5.34 9.26
N TYR C 140 9.38 -5.11 9.77
CA TYR C 140 8.20 -4.92 8.94
C TYR C 140 7.16 -4.12 9.72
N PRO C 141 6.50 -3.15 9.08
CA PRO C 141 6.61 -2.79 7.65
C PRO C 141 7.84 -1.97 7.32
N ARG C 142 7.91 -1.47 6.09
CA ARG C 142 9.09 -0.81 5.55
C ARG C 142 9.35 0.55 6.19
N GLU C 143 8.28 1.23 6.60
CA GLU C 143 8.38 2.57 7.17
C GLU C 143 9.11 2.59 8.51
N ALA C 144 10.19 3.36 8.58
CA ALA C 144 10.99 3.48 9.79
C ALA C 144 11.77 4.79 9.79
N LYS C 145 11.93 5.37 10.97
CA LYS C 145 12.67 6.63 11.08
C LYS C 145 13.99 6.48 11.86
N VAL C 146 15.07 7.02 11.30
CA VAL C 146 16.37 7.00 11.96
C VAL C 146 16.83 8.43 12.24
N GLN C 147 17.16 8.70 13.51
CA GLN C 147 17.67 10.01 13.89
C GLN C 147 19.05 9.93 14.53
N TRP C 148 19.96 10.76 14.05
CA TRP C 148 21.33 10.81 14.56
C TRP C 148 21.52 11.92 15.58
N LYS C 149 22.06 11.57 16.74
CA LYS C 149 22.38 12.54 17.78
C LYS C 149 23.87 12.56 18.05
N VAL C 150 24.49 13.71 17.89
CA VAL C 150 25.90 13.87 18.22
C VAL C 150 26.03 14.87 19.38
N ASP C 151 26.34 14.35 20.56
CA ASP C 151 26.28 15.14 21.81
C ASP C 151 24.90 15.79 21.94
N ASN C 152 23.86 15.00 21.68
CA ASN C 152 22.46 15.42 21.74
C ASN C 152 22.01 16.44 20.70
N ALA C 153 22.86 16.71 19.71
CA ALA C 153 22.49 17.58 18.60
C ALA C 153 21.93 16.75 17.46
N LEU C 154 20.67 16.99 17.11
CA LEU C 154 20.03 16.27 16.02
C LEU C 154 20.70 16.60 14.69
N GLN C 155 21.14 15.57 13.99
CA GLN C 155 21.84 15.75 12.72
C GLN C 155 20.86 15.81 11.56
N SER C 156 21.15 16.68 10.59
CA SER C 156 20.29 16.83 9.43
C SER C 156 21.11 17.22 8.20
N GLY C 157 20.94 16.47 7.12
CA GLY C 157 21.59 16.78 5.86
C GLY C 157 22.85 15.97 5.60
N ASN C 158 23.37 15.33 6.64
CA ASN C 158 24.60 14.57 6.51
C ASN C 158 24.42 13.07 6.73
N SER C 159 23.26 12.55 6.32
CA SER C 159 22.99 11.12 6.43
C SER C 159 22.19 10.60 5.24
N GLN C 160 22.49 9.38 4.83
CA GLN C 160 21.78 8.73 3.73
C GLN C 160 21.33 7.34 4.15
N GLU C 161 20.12 6.96 3.72
CA GLU C 161 19.56 5.66 4.03
C GLU C 161 19.56 4.74 2.82
N SER C 162 19.62 3.44 3.08
CA SER C 162 19.53 2.44 2.04
C SER C 162 18.69 1.27 2.57
N VAL C 163 17.72 0.82 1.77
CA VAL C 163 16.79 -0.21 2.21
C VAL C 163 16.81 -1.40 1.26
N THR C 164 16.84 -2.60 1.83
CA THR C 164 16.80 -3.82 1.04
C THR C 164 15.38 -4.12 0.58
N GLU C 165 15.25 -5.05 -0.36
CA GLU C 165 13.94 -5.53 -0.80
C GLU C 165 13.47 -6.58 0.20
N GLN C 166 12.20 -6.95 0.11
CA GLN C 166 11.66 -7.97 1.01
C GLN C 166 12.40 -9.29 0.89
N ASP C 167 12.95 -9.75 2.00
CA ASP C 167 13.68 -11.01 2.04
C ASP C 167 12.80 -12.16 1.59
N SER C 168 13.32 -13.00 0.71
CA SER C 168 12.53 -14.06 0.09
C SER C 168 12.06 -15.13 1.08
N LYS C 169 12.59 -15.10 2.29
CA LYS C 169 12.25 -16.11 3.29
C LYS C 169 11.29 -15.59 4.36
N ASP C 170 11.65 -14.48 5.00
CA ASP C 170 10.85 -13.94 6.10
C ASP C 170 10.05 -12.69 5.75
N SER C 171 10.19 -12.24 4.51
CA SER C 171 9.45 -11.08 3.99
C SER C 171 9.72 -9.76 4.73
N THR C 172 10.85 -9.69 5.43
CA THR C 172 11.21 -8.48 6.17
C THR C 172 12.10 -7.54 5.35
N TYR C 173 12.27 -6.33 5.84
CA TYR C 173 13.20 -5.37 5.24
C TYR C 173 14.39 -5.17 6.17
N SER C 174 15.49 -4.69 5.60
CA SER C 174 16.62 -4.23 6.40
C SER C 174 17.04 -2.84 5.93
N LEU C 175 17.48 -2.00 6.86
CA LEU C 175 17.85 -0.62 6.56
C LEU C 175 19.22 -0.28 7.14
N SER C 176 20.00 0.47 6.38
CA SER C 176 21.28 0.98 6.86
C SER C 176 21.36 2.49 6.70
N SER C 177 21.55 3.18 7.82
CA SER C 177 21.74 4.63 7.79
C SER C 177 23.21 4.95 7.98
N THR C 178 23.72 5.89 7.20
CA THR C 178 25.13 6.26 7.28
C THR C 178 25.32 7.75 7.53
N LEU C 179 25.86 8.08 8.69
CA LEU C 179 26.20 9.45 9.04
C LEU C 179 27.62 9.76 8.59
N THR C 180 27.78 10.83 7.80
CA THR C 180 29.09 11.20 7.29
C THR C 180 29.57 12.52 7.89
N LEU C 181 30.64 12.44 8.69
CA LEU C 181 31.23 13.61 9.31
C LEU C 181 32.67 13.76 8.89
N SER C 182 33.21 14.98 8.97
CA SER C 182 34.63 15.19 8.77
C SER C 182 35.35 14.62 9.98
N LYS C 183 36.64 14.33 9.84
CA LYS C 183 37.41 13.79 10.95
C LYS C 183 37.43 14.77 12.12
N ALA C 184 37.62 16.05 11.82
CA ALA C 184 37.66 17.09 12.84
C ALA C 184 36.36 17.15 13.64
N ASP C 185 35.23 17.15 12.94
CA ASP C 185 33.93 17.14 13.59
CA ASP C 185 33.92 17.15 13.59
C ASP C 185 33.77 15.91 14.46
N TYR C 186 34.25 14.78 13.97
CA TYR C 186 34.16 13.52 14.72
C TYR C 186 35.00 13.55 15.98
N GLU C 187 36.22 14.07 15.89
CA GLU C 187 37.13 14.12 17.03
C GLU C 187 36.69 15.19 18.03
N LYS C 188 35.76 16.04 17.61
CA LYS C 188 35.31 17.16 18.43
C LYS C 188 34.23 16.75 19.42
N HIS C 189 33.58 15.62 19.17
CA HIS C 189 32.45 15.20 19.99
C HIS C 189 32.64 13.81 20.60
N LYS C 190 31.74 13.43 21.50
CA LYS C 190 31.90 12.19 22.25
C LYS C 190 30.78 11.18 22.02
N VAL C 191 29.54 11.57 22.34
CA VAL C 191 28.43 10.64 22.30
C VAL C 191 27.75 10.59 20.93
N TYR C 192 27.78 9.41 20.31
CA TYR C 192 27.16 9.22 19.00
C TYR C 192 26.02 8.22 19.09
N ALA C 193 24.80 8.70 18.90
CA ALA C 193 23.61 7.89 19.10
C ALA C 193 22.75 7.72 17.85
N CYS C 194 22.10 6.56 17.76
CA CYS C 194 21.18 6.27 16.67
C CYS C 194 19.83 5.90 17.25
N GLU C 195 18.86 6.80 17.11
CA GLU C 195 17.52 6.58 17.65
C GLU C 195 16.57 6.10 16.56
N VAL C 196 15.91 4.97 16.83
CA VAL C 196 15.05 4.34 15.84
C VAL C 196 13.59 4.33 16.26
N THR C 197 12.72 4.81 15.37
CA THR C 197 11.28 4.79 15.60
C THR C 197 10.61 3.89 14.57
N HIS C 198 9.78 2.96 15.04
CA HIS C 198 9.11 2.01 14.15
C HIS C 198 7.79 1.53 14.74
N GLN C 199 6.84 1.22 13.86
CA GLN C 199 5.51 0.77 14.25
C GLN C 199 5.54 -0.43 15.20
N GLY C 200 6.55 -1.29 15.04
CA GLY C 200 6.71 -2.46 15.89
C GLY C 200 7.39 -2.17 17.21
N LEU C 201 7.65 -0.89 17.46
CA LEU C 201 8.28 -0.49 18.72
C LEU C 201 7.35 0.41 19.52
N SER C 202 7.08 0.01 20.76
CA SER C 202 6.28 0.82 21.68
C SER C 202 7.04 2.07 22.06
N SER C 203 8.36 1.94 22.18
N SER C 203 8.36 1.94 22.18
CA SER C 203 9.22 3.06 22.52
CA SER C 203 9.24 3.05 22.54
C SER C 203 10.43 3.09 21.58
C SER C 203 10.44 3.09 21.59
N PRO C 204 10.95 4.29 21.30
CA PRO C 204 12.14 4.43 20.44
C PRO C 204 13.35 3.70 20.99
N VAL C 205 14.08 3.01 20.12
CA VAL C 205 15.29 2.30 20.52
C VAL C 205 16.54 3.10 20.17
N THR C 206 17.41 3.30 21.16
CA THR C 206 18.66 3.99 20.96
C THR C 206 19.91 3.17 21.28
N LYS C 207 20.79 3.10 20.29
CA LYS C 207 22.09 2.47 20.41
C LYS C 207 23.12 3.58 20.27
N SER C 208 24.19 3.51 21.06
CA SER C 208 25.22 4.52 20.97
C SER C 208 26.57 4.03 21.45
N PHE C 209 27.59 4.82 21.14
CA PHE C 209 28.94 4.52 21.58
C PHE C 209 29.65 5.82 21.95
N ASN C 210 30.70 5.70 22.76
CA ASN C 210 31.57 6.84 23.04
C ASN C 210 32.85 6.75 22.24
N ARG C 211 33.20 7.83 21.55
CA ARG C 211 34.42 7.87 20.76
C ARG C 211 35.64 7.63 21.65
N GLY C 212 36.34 6.54 21.40
CA GLY C 212 37.48 6.15 22.22
C GLY C 212 37.05 5.29 23.39
N ALA C 213 36.10 4.39 23.12
CA ALA C 213 35.55 3.46 24.11
C ALA C 213 34.83 4.15 25.29
N GLN D 1 24.70 -27.58 -19.85
CA GLN D 1 23.46 -26.82 -19.86
C GLN D 1 23.62 -25.50 -20.62
N VAL D 2 22.50 -24.94 -21.06
CA VAL D 2 22.51 -23.69 -21.80
C VAL D 2 22.84 -22.49 -20.91
N GLN D 3 23.88 -21.75 -21.28
CA GLN D 3 24.31 -20.60 -20.51
C GLN D 3 24.80 -19.47 -21.43
N LEU D 4 24.45 -18.23 -21.07
CA LEU D 4 24.93 -17.06 -21.77
C LEU D 4 25.72 -16.17 -20.80
N LYS D 5 26.99 -15.95 -21.11
CA LYS D 5 27.86 -15.18 -20.22
C LYS D 5 28.41 -13.93 -20.90
N GLN D 6 28.02 -12.78 -20.40
CA GLN D 6 28.41 -11.51 -21.00
C GLN D 6 29.72 -10.98 -20.42
N SER D 7 30.41 -10.16 -21.20
CA SER D 7 31.69 -9.59 -20.77
C SER D 7 31.50 -8.58 -19.65
N GLY D 10 30.85 -1.78 -18.55
CA GLY D 10 31.29 -0.87 -17.50
C GLY D 10 31.02 0.58 -17.84
N LEU D 11 32.07 1.40 -17.78
CA LEU D 11 31.93 2.83 -18.02
C LEU D 11 32.14 3.20 -19.50
N VAL D 12 31.25 4.03 -20.02
CA VAL D 12 31.34 4.51 -21.39
C VAL D 12 31.16 6.02 -21.45
N GLN D 13 32.14 6.72 -22.02
CA GLN D 13 32.06 8.16 -22.16
C GLN D 13 30.97 8.53 -23.17
N PRO D 14 30.31 9.68 -22.98
CA PRO D 14 29.26 10.15 -23.90
C PRO D 14 29.77 10.29 -25.33
N SER D 15 28.89 10.04 -26.30
CA SER D 15 29.21 10.06 -27.73
C SER D 15 30.18 8.97 -28.18
N GLN D 16 30.57 8.09 -27.26
CA GLN D 16 31.46 6.98 -27.62
C GLN D 16 30.68 5.68 -27.76
N SER D 17 31.37 4.59 -28.06
CA SER D 17 30.70 3.33 -28.38
C SER D 17 30.67 2.34 -27.21
N LEU D 18 29.61 1.54 -27.17
CA LEU D 18 29.48 0.46 -26.21
C LEU D 18 29.70 -0.88 -26.90
N SER D 19 30.47 -1.75 -26.25
CA SER D 19 30.77 -3.06 -26.83
C SER D 19 30.64 -4.17 -25.78
N ILE D 20 29.78 -5.15 -26.07
CA ILE D 20 29.56 -6.27 -25.17
C ILE D 20 29.67 -7.59 -25.93
N THR D 21 30.32 -8.57 -25.31
CA THR D 21 30.49 -9.89 -25.92
C THR D 21 29.65 -10.93 -25.20
N CYS D 22 28.85 -11.68 -25.95
CA CYS D 22 28.01 -12.73 -25.37
C CYS D 22 28.55 -14.12 -25.73
N THR D 23 29.19 -14.77 -24.77
CA THR D 23 29.72 -16.11 -24.97
C THR D 23 28.67 -17.15 -24.59
N VAL D 24 28.41 -18.09 -25.49
CA VAL D 24 27.36 -19.08 -25.26
C VAL D 24 27.91 -20.49 -25.09
N SER D 25 27.16 -21.32 -24.38
CA SER D 25 27.52 -22.73 -24.18
C SER D 25 26.25 -23.56 -24.01
N GLY D 26 26.29 -24.79 -24.50
CA GLY D 26 25.14 -25.68 -24.40
C GLY D 26 24.35 -25.73 -25.69
N PHE D 27 24.70 -24.87 -26.63
CA PHE D 27 24.06 -24.84 -27.94
C PHE D 27 24.94 -24.15 -28.97
N SER D 28 24.70 -24.44 -30.24
CA SER D 28 25.47 -23.83 -31.32
C SER D 28 24.84 -22.52 -31.79
N LEU D 29 25.68 -21.55 -32.14
CA LEU D 29 25.21 -20.29 -32.67
C LEU D 29 24.62 -20.44 -34.07
N THR D 30 24.88 -21.59 -34.69
CA THR D 30 24.37 -21.88 -36.03
C THR D 30 22.98 -22.48 -35.98
N ASN D 31 22.52 -22.78 -34.77
CA ASN D 31 21.20 -23.40 -34.59
C ASN D 31 20.18 -22.51 -33.91
N TYR D 32 20.66 -21.44 -33.28
CA TYR D 32 19.77 -20.51 -32.58
C TYR D 32 20.18 -19.06 -32.82
N GLY D 33 19.18 -18.17 -32.88
CA GLY D 33 19.45 -16.76 -32.98
C GLY D 33 19.65 -16.16 -31.60
N VAL D 34 20.51 -15.15 -31.51
CA VAL D 34 20.76 -14.46 -30.24
C VAL D 34 20.23 -13.04 -30.27
N HIS D 35 19.36 -12.72 -29.31
CA HIS D 35 18.73 -11.41 -29.24
C HIS D 35 19.43 -10.52 -28.22
N TRP D 36 19.10 -9.24 -28.21
CA TRP D 36 19.64 -8.30 -27.25
C TRP D 36 18.56 -7.39 -26.69
N VAL D 37 18.40 -7.41 -25.37
CA VAL D 37 17.39 -6.63 -24.69
C VAL D 37 18.07 -5.73 -23.65
N ARG D 38 17.54 -4.53 -23.44
CA ARG D 38 18.04 -3.66 -22.40
C ARG D 38 16.94 -3.23 -21.44
N GLN D 39 17.32 -2.85 -20.23
CA GLN D 39 16.35 -2.45 -19.21
C GLN D 39 16.78 -1.15 -18.53
N SER D 40 16.07 -0.07 -18.84
CA SER D 40 16.41 1.25 -18.33
C SER D 40 15.30 1.80 -17.43
N PRO D 41 15.63 2.75 -16.55
CA PRO D 41 14.62 3.38 -15.70
C PRO D 41 13.54 4.08 -16.52
N GLY D 42 13.94 4.68 -17.65
CA GLY D 42 13.02 5.44 -18.47
C GLY D 42 12.08 4.61 -19.33
N LYS D 43 12.63 3.65 -20.07
CA LYS D 43 11.83 2.89 -21.02
C LYS D 43 11.62 1.42 -20.65
N GLY D 44 12.13 1.02 -19.49
CA GLY D 44 11.99 -0.35 -19.03
C GLY D 44 12.65 -1.35 -19.96
N LEU D 45 12.08 -2.54 -20.03
CA LEU D 45 12.57 -3.59 -20.92
C LEU D 45 12.39 -3.18 -22.39
N GLU D 46 13.46 -3.26 -23.16
CA GLU D 46 13.46 -2.79 -24.53
C GLU D 46 14.23 -3.72 -25.45
N TRP D 47 13.55 -4.30 -26.42
CA TRP D 47 14.17 -5.20 -27.39
C TRP D 47 15.00 -4.40 -28.40
N LEU D 48 16.29 -4.69 -28.45
CA LEU D 48 17.22 -3.92 -29.28
C LEU D 48 17.41 -4.53 -30.67
N GLY D 49 17.71 -5.82 -30.72
CA GLY D 49 17.95 -6.47 -31.99
C GLY D 49 18.16 -7.98 -31.89
N VAL D 50 18.62 -8.58 -32.98
CA VAL D 50 18.83 -10.02 -33.03
C VAL D 50 19.70 -10.42 -34.22
N ILE D 51 20.64 -11.33 -33.99
CA ILE D 51 21.35 -11.98 -35.08
C ILE D 51 20.90 -13.43 -35.19
N TRP D 52 20.46 -13.83 -36.38
CA TRP D 52 19.90 -15.16 -36.57
C TRP D 52 20.97 -16.20 -36.88
N SER D 53 20.54 -17.45 -37.01
CA SER D 53 21.46 -18.57 -37.22
C SER D 53 22.32 -18.38 -38.47
N GLY D 54 21.72 -17.84 -39.52
CA GLY D 54 22.40 -17.68 -40.79
C GLY D 54 23.17 -16.37 -40.93
N GLY D 55 23.34 -15.66 -39.82
CA GLY D 55 24.12 -14.44 -39.82
C GLY D 55 23.32 -13.18 -40.05
N ASN D 56 22.07 -13.33 -40.49
CA ASN D 56 21.18 -12.19 -40.71
C ASN D 56 20.93 -11.40 -39.43
N THR D 57 20.74 -10.10 -39.57
CA THR D 57 20.49 -9.23 -38.43
C THR D 57 19.23 -8.39 -38.59
N ASP D 58 18.59 -8.11 -37.45
CA ASP D 58 17.45 -7.22 -37.41
C ASP D 58 17.61 -6.28 -36.23
N TYR D 59 17.39 -5.00 -36.46
CA TYR D 59 17.51 -4.01 -35.40
C TYR D 59 16.17 -3.30 -35.20
N ASN D 60 15.82 -3.04 -33.95
CA ASN D 60 14.62 -2.26 -33.67
C ASN D 60 14.81 -0.86 -34.25
N THR D 61 13.72 -0.30 -34.77
CA THR D 61 13.75 0.96 -35.53
C THR D 61 14.62 2.09 -34.96
N PRO D 62 14.48 2.43 -33.67
CA PRO D 62 15.28 3.57 -33.19
C PRO D 62 16.76 3.24 -32.92
N PHE D 63 17.23 2.09 -33.38
CA PHE D 63 18.62 1.70 -33.15
C PHE D 63 19.34 1.28 -34.42
N THR D 64 18.58 1.21 -35.52
CA THR D 64 19.10 0.71 -36.79
C THR D 64 20.35 1.44 -37.28
N SER D 65 20.47 2.72 -36.96
CA SER D 65 21.55 3.54 -37.47
C SER D 65 22.79 3.52 -36.59
N ARG D 66 22.67 3.00 -35.37
CA ARG D 66 23.81 3.00 -34.46
C ARG D 66 24.03 1.66 -33.76
N LEU D 67 23.38 0.62 -34.25
CA LEU D 67 23.53 -0.71 -33.65
C LEU D 67 24.12 -1.70 -34.65
N SER D 68 25.05 -2.53 -34.17
CA SER D 68 25.69 -3.53 -35.01
C SER D 68 25.95 -4.82 -34.24
N ILE D 69 25.43 -5.93 -34.75
CA ILE D 69 25.58 -7.22 -34.09
C ILE D 69 26.23 -8.25 -35.00
N ASN D 70 27.42 -8.70 -34.60
CA ASN D 70 28.14 -9.75 -35.34
C ASN D 70 28.40 -10.96 -34.45
N LYS D 71 28.98 -12.01 -35.03
CA LYS D 71 29.27 -13.22 -34.26
C LYS D 71 30.40 -14.06 -34.84
N ASP D 72 30.90 -14.99 -34.04
CA ASP D 72 31.88 -15.97 -34.47
C ASP D 72 31.38 -17.33 -34.03
N ASN D 73 30.85 -18.09 -34.98
CA ASN D 73 30.24 -19.40 -34.69
C ASN D 73 31.19 -20.39 -34.04
N SER D 74 32.47 -20.34 -34.44
CA SER D 74 33.46 -21.26 -33.92
C SER D 74 33.79 -20.95 -32.47
N LYS D 75 33.92 -19.67 -32.15
CA LYS D 75 34.25 -19.23 -30.80
C LYS D 75 33.01 -19.12 -29.90
N SER D 76 31.83 -19.37 -30.48
CA SER D 76 30.56 -19.29 -29.78
C SER D 76 30.37 -17.92 -29.13
N GLN D 77 30.72 -16.87 -29.88
CA GLN D 77 30.65 -15.52 -29.35
C GLN D 77 29.77 -14.62 -30.22
N VAL D 78 29.01 -13.75 -29.56
CA VAL D 78 28.19 -12.75 -30.25
C VAL D 78 28.66 -11.36 -29.83
N PHE D 79 28.88 -10.49 -30.80
CA PHE D 79 29.47 -9.17 -30.53
C PHE D 79 28.47 -8.03 -30.71
N PHE D 80 28.02 -7.49 -29.58
CA PHE D 80 27.10 -6.36 -29.55
C PHE D 80 27.89 -5.06 -29.59
N LYS D 81 27.50 -4.15 -30.47
CA LYS D 81 28.12 -2.84 -30.50
C LYS D 81 27.12 -1.74 -30.85
N MET D 82 27.01 -0.74 -29.97
CA MET D 82 26.15 0.40 -30.22
C MET D 82 26.98 1.69 -30.21
N ASN D 83 26.65 2.60 -31.12
CA ASN D 83 27.44 3.81 -31.32
C ASN D 83 26.77 5.04 -30.74
N SER D 84 27.58 6.03 -30.36
CA SER D 84 27.09 7.31 -29.88
C SER D 84 26.12 7.20 -28.71
N LEU D 85 26.65 6.87 -27.53
CA LEU D 85 25.80 6.69 -26.36
C LEU D 85 25.53 8.00 -25.63
N GLN D 86 24.35 8.12 -25.05
CA GLN D 86 24.02 9.28 -24.22
C GLN D 86 23.54 8.84 -22.85
N SER D 87 23.18 9.80 -22.01
CA SER D 87 22.78 9.52 -20.63
C SER D 87 21.61 8.55 -20.53
N ASN D 88 20.59 8.74 -21.37
CA ASN D 88 19.42 7.88 -21.35
C ASN D 88 19.66 6.50 -21.99
N ASP D 89 20.91 6.22 -22.32
CA ASP D 89 21.29 4.88 -22.78
C ASP D 89 21.90 4.10 -21.63
N THR D 90 21.92 4.71 -20.45
CA THR D 90 22.41 4.04 -19.25
C THR D 90 21.41 2.98 -18.81
N ALA D 91 21.80 1.71 -18.94
CA ALA D 91 20.91 0.62 -18.62
C ALA D 91 21.66 -0.69 -18.44
N ILE D 92 20.90 -1.75 -18.15
CA ILE D 92 21.43 -3.10 -18.10
C ILE D 92 21.17 -3.75 -19.45
N TYR D 93 22.21 -4.31 -20.04
CA TYR D 93 22.10 -4.92 -21.36
C TYR D 93 22.19 -6.43 -21.30
N TYR D 94 21.14 -7.10 -21.78
CA TYR D 94 21.10 -8.55 -21.78
C TYR D 94 21.24 -9.09 -23.19
N CYS D 95 21.90 -10.24 -23.31
CA CYS D 95 21.79 -11.05 -24.52
C CYS D 95 20.90 -12.23 -24.15
N ALA D 96 20.06 -12.67 -25.08
CA ALA D 96 19.09 -13.71 -24.77
C ALA D 96 18.89 -14.71 -25.91
N ARG D 97 18.34 -15.87 -25.57
CA ARG D 97 18.03 -16.89 -26.55
C ARG D 97 16.61 -17.42 -26.36
N ALA D 98 15.93 -17.70 -27.47
CA ALA D 98 14.56 -18.19 -27.41
C ALA D 98 14.52 -19.71 -27.28
N LEU D 99 13.33 -20.24 -26.99
CA LEU D 99 13.14 -21.69 -26.90
C LEU D 99 13.42 -22.34 -28.26
N THR D 100 12.81 -21.78 -29.29
CA THR D 100 13.02 -22.26 -30.65
C THR D 100 13.89 -21.27 -31.42
N TYR D 101 14.48 -21.73 -32.52
CA TYR D 101 15.44 -20.94 -33.27
C TYR D 101 14.84 -19.68 -33.91
N TYR D 102 13.53 -19.70 -34.11
CA TYR D 102 12.86 -18.64 -34.86
C TYR D 102 12.04 -17.70 -33.98
N ASP D 103 11.72 -18.15 -32.76
CA ASP D 103 10.77 -17.45 -31.92
C ASP D 103 11.39 -16.36 -31.06
N TYR D 104 10.58 -15.78 -30.17
CA TYR D 104 11.03 -14.68 -29.33
C TYR D 104 10.73 -14.90 -27.84
N GLU D 105 10.27 -16.09 -27.47
CA GLU D 105 10.07 -16.37 -26.05
C GLU D 105 11.41 -16.67 -25.39
N PHE D 106 11.88 -15.73 -24.58
CA PHE D 106 13.25 -15.78 -24.06
C PHE D 106 13.39 -16.61 -22.79
N ALA D 107 13.82 -17.85 -22.97
CA ALA D 107 13.96 -18.78 -21.86
C ALA D 107 15.35 -18.71 -21.23
N TYR D 108 16.31 -18.20 -21.99
CA TYR D 108 17.68 -18.11 -21.50
C TYR D 108 18.24 -16.69 -21.64
N TRP D 109 18.81 -16.18 -20.55
CA TRP D 109 19.35 -14.82 -20.52
C TRP D 109 20.78 -14.81 -20.03
N GLY D 110 21.53 -13.77 -20.41
CA GLY D 110 22.83 -13.53 -19.83
C GLY D 110 22.64 -12.91 -18.46
N GLN D 111 23.70 -12.83 -17.67
CA GLN D 111 23.57 -12.25 -16.32
C GLN D 111 23.35 -10.75 -16.39
N GLY D 112 23.62 -10.16 -17.56
CA GLY D 112 23.42 -8.74 -17.77
C GLY D 112 24.67 -7.92 -17.53
N THR D 113 24.80 -6.81 -18.26
CA THR D 113 25.93 -5.91 -18.10
C THR D 113 25.44 -4.49 -17.78
N LEU D 114 25.77 -4.00 -16.57
CA LEU D 114 25.38 -2.65 -16.20
CA LEU D 114 25.38 -2.65 -16.18
C LEU D 114 26.34 -1.66 -16.83
N VAL D 115 25.78 -0.80 -17.66
CA VAL D 115 26.51 0.18 -18.44
C VAL D 115 26.20 1.59 -17.96
N THR D 116 27.23 2.34 -17.57
CA THR D 116 27.07 3.74 -17.18
C THR D 116 27.64 4.66 -18.25
N VAL D 117 26.82 5.60 -18.71
CA VAL D 117 27.24 6.64 -19.62
C VAL D 117 27.62 7.89 -18.85
N SER D 118 28.92 8.14 -18.74
CA SER D 118 29.42 9.25 -17.94
C SER D 118 30.78 9.72 -18.42
N ALA D 119 31.08 10.99 -18.19
CA ALA D 119 32.37 11.56 -18.54
C ALA D 119 33.34 11.47 -17.36
N ALA D 120 32.84 11.03 -16.21
CA ALA D 120 33.66 10.85 -15.03
C ALA D 120 34.63 9.68 -15.20
N SER D 121 35.62 9.59 -14.33
CA SER D 121 36.62 8.53 -14.43
C SER D 121 36.38 7.41 -13.42
N THR D 122 37.01 6.27 -13.66
CA THR D 122 36.84 5.10 -12.80
C THR D 122 37.63 5.24 -11.51
N LYS D 123 37.02 4.82 -10.40
CA LYS D 123 37.72 4.81 -9.11
C LYS D 123 37.34 3.58 -8.30
N GLY D 124 38.36 2.87 -7.81
CA GLY D 124 38.14 1.72 -6.95
C GLY D 124 37.70 2.16 -5.57
N PRO D 125 36.98 1.29 -4.85
CA PRO D 125 36.45 1.62 -3.54
C PRO D 125 37.44 1.39 -2.41
N SER D 126 37.14 1.94 -1.24
CA SER D 126 37.89 1.66 -0.02
C SER D 126 36.99 0.85 0.90
N VAL D 127 37.51 -0.26 1.41
CA VAL D 127 36.72 -1.17 2.23
C VAL D 127 37.08 -1.05 3.70
N PHE D 128 36.13 -0.56 4.50
CA PHE D 128 36.33 -0.38 5.92
C PHE D 128 35.46 -1.36 6.70
N PRO D 129 35.92 -1.80 7.88
CA PRO D 129 35.17 -2.77 8.68
C PRO D 129 34.03 -2.14 9.49
N LEU D 130 32.89 -2.82 9.53
CA LEU D 130 31.80 -2.46 10.42
C LEU D 130 31.82 -3.41 11.60
N ALA D 131 32.58 -3.04 12.64
CA ALA D 131 32.85 -3.95 13.75
C ALA D 131 31.93 -3.72 14.96
N PRO D 132 31.46 -4.82 15.57
CA PRO D 132 30.67 -4.79 16.80
C PRO D 132 31.57 -4.75 18.03
N SER D 133 30.96 -4.73 19.21
CA SER D 133 31.72 -4.70 20.46
C SER D 133 31.03 -5.54 21.53
N GLY D 140 21.86 -12.28 21.95
CA GLY D 140 23.19 -12.86 21.82
C GLY D 140 23.69 -12.83 20.40
N THR D 141 23.00 -12.06 19.55
CA THR D 141 23.37 -11.95 18.15
C THR D 141 24.24 -10.72 17.91
N ALA D 142 25.33 -10.90 17.17
CA ALA D 142 26.21 -9.79 16.84
C ALA D 142 26.13 -9.47 15.36
N ALA D 143 26.19 -8.18 15.03
CA ALA D 143 26.18 -7.76 13.64
C ALA D 143 27.52 -7.17 13.25
N LEU D 144 28.02 -7.58 12.08
CA LEU D 144 29.26 -7.03 11.54
C LEU D 144 29.11 -6.85 10.04
N GLY D 145 30.01 -6.09 9.43
CA GLY D 145 29.96 -5.88 8.00
C GLY D 145 31.09 -5.11 7.38
N CYS D 146 30.91 -4.70 6.13
CA CYS D 146 31.92 -3.95 5.40
C CYS D 146 31.32 -2.72 4.72
N LEU D 147 32.00 -1.59 4.87
CA LEU D 147 31.60 -0.36 4.20
C LEU D 147 32.42 -0.17 2.93
N VAL D 148 31.78 -0.38 1.79
CA VAL D 148 32.43 -0.22 0.50
C VAL D 148 32.20 1.20 0.00
N LYS D 149 33.22 2.04 0.12
CA LYS D 149 33.03 3.48 -0.04
C LYS D 149 33.83 4.11 -1.19
N ASP D 150 33.22 5.11 -1.82
CA ASP D 150 33.86 5.93 -2.85
C ASP D 150 34.32 5.15 -4.09
N TYR D 151 33.36 4.58 -4.82
CA TYR D 151 33.68 3.90 -6.06
C TYR D 151 32.81 4.37 -7.21
N PHE D 152 33.31 4.22 -8.43
CA PHE D 152 32.57 4.60 -9.62
C PHE D 152 33.19 3.91 -10.83
N PRO D 153 32.35 3.33 -11.71
CA PRO D 153 30.89 3.33 -11.57
C PRO D 153 30.40 2.05 -10.91
N GLU D 154 29.08 1.87 -10.89
CA GLU D 154 28.48 0.63 -10.46
C GLU D 154 28.76 -0.45 -11.50
N PRO D 155 28.68 -1.74 -11.12
CA PRO D 155 28.36 -2.27 -9.79
C PRO D 155 29.59 -2.77 -9.04
N VAL D 156 29.39 -3.18 -7.80
CA VAL D 156 30.42 -3.87 -7.03
C VAL D 156 29.79 -5.14 -6.47
N THR D 157 30.59 -6.18 -6.30
CA THR D 157 30.07 -7.44 -5.80
C THR D 157 30.63 -7.74 -4.41
N VAL D 158 29.77 -8.15 -3.49
CA VAL D 158 30.20 -8.47 -2.14
C VAL D 158 29.68 -9.83 -1.69
N SER D 159 30.59 -10.71 -1.31
CA SER D 159 30.22 -12.00 -0.74
C SER D 159 30.90 -12.16 0.61
N TRP D 160 30.51 -13.20 1.36
CA TRP D 160 31.09 -13.45 2.67
C TRP D 160 31.68 -14.86 2.79
N ASN D 161 32.91 -14.92 3.29
CA ASN D 161 33.66 -16.17 3.41
C ASN D 161 33.70 -16.97 2.12
N SER D 162 34.02 -16.28 1.03
CA SER D 162 34.11 -16.90 -0.30
C SER D 162 32.81 -17.57 -0.75
N GLY D 163 31.68 -17.07 -0.26
CA GLY D 163 30.38 -17.58 -0.67
C GLY D 163 29.78 -18.59 0.28
N ALA D 164 30.60 -19.12 1.18
CA ALA D 164 30.16 -20.14 2.14
C ALA D 164 29.19 -19.58 3.17
N LEU D 165 29.24 -18.27 3.39
CA LEU D 165 28.37 -17.63 4.34
C LEU D 165 27.30 -16.79 3.64
N THR D 166 26.05 -17.23 3.72
CA THR D 166 24.96 -16.52 3.04
C THR D 166 23.81 -16.22 3.99
N SER D 167 23.62 -17.07 4.99
CA SER D 167 22.52 -16.91 5.93
C SER D 167 22.71 -15.68 6.80
N GLY D 168 21.72 -14.79 6.78
CA GLY D 168 21.76 -13.58 7.58
C GLY D 168 22.49 -12.45 6.91
N VAL D 169 22.87 -12.64 5.65
CA VAL D 169 23.62 -11.63 4.92
C VAL D 169 22.69 -10.63 4.20
N HIS D 170 22.90 -9.35 4.47
CA HIS D 170 22.18 -8.29 3.76
C HIS D 170 23.17 -7.37 3.07
N THR D 171 23.14 -7.35 1.74
CA THR D 171 23.91 -6.39 0.98
C THR D 171 23.00 -5.29 0.47
N PHE D 172 23.20 -4.08 0.98
CA PHE D 172 22.31 -2.96 0.68
C PHE D 172 22.55 -2.37 -0.70
N PRO D 173 21.49 -1.78 -1.30
CA PRO D 173 21.65 -1.05 -2.56
C PRO D 173 22.64 0.09 -2.40
N ALA D 174 23.45 0.31 -3.42
CA ALA D 174 24.41 1.42 -3.41
C ALA D 174 23.70 2.75 -3.36
N VAL D 175 24.35 3.74 -2.77
CA VAL D 175 23.84 5.09 -2.72
C VAL D 175 24.78 6.05 -3.45
N LEU D 176 24.20 7.01 -4.14
CA LEU D 176 24.98 8.05 -4.81
C LEU D 176 25.25 9.17 -3.85
N GLN D 177 26.52 9.32 -3.46
CA GLN D 177 26.93 10.37 -2.55
C GLN D 177 26.97 11.71 -3.27
N SER D 178 27.09 12.78 -2.49
CA SER D 178 27.13 14.14 -3.05
C SER D 178 28.39 14.34 -3.89
N SER D 179 29.39 13.50 -3.67
CA SER D 179 30.65 13.59 -4.40
C SER D 179 30.54 13.00 -5.80
N GLY D 180 29.46 12.26 -6.05
CA GLY D 180 29.28 11.58 -7.31
C GLY D 180 29.87 10.18 -7.28
N LEU D 181 30.38 9.79 -6.12
CA LEU D 181 30.94 8.46 -5.93
C LEU D 181 29.95 7.58 -5.18
N TYR D 182 29.86 6.31 -5.58
CA TYR D 182 28.93 5.40 -4.95
C TYR D 182 29.47 4.81 -3.66
N SER D 183 28.57 4.25 -2.86
CA SER D 183 28.94 3.63 -1.60
C SER D 183 27.85 2.67 -1.15
N LEU D 184 28.26 1.52 -0.61
CA LEU D 184 27.30 0.58 -0.03
C LEU D 184 27.86 -0.14 1.19
N SER D 185 26.96 -0.77 1.94
CA SER D 185 27.34 -1.58 3.09
C SER D 185 26.75 -2.98 2.96
N SER D 186 27.52 -3.98 3.37
CA SER D 186 27.05 -5.35 3.44
C SER D 186 27.22 -5.84 4.86
N VAL D 187 26.15 -6.37 5.45
CA VAL D 187 26.19 -6.82 6.83
C VAL D 187 25.76 -8.28 6.98
N VAL D 188 26.10 -8.87 8.13
CA VAL D 188 25.70 -10.24 8.43
C VAL D 188 25.55 -10.39 9.95
N THR D 189 24.52 -11.12 10.36
CA THR D 189 24.30 -11.39 11.77
C THR D 189 24.83 -12.77 12.12
N VAL D 190 25.68 -12.84 13.14
CA VAL D 190 26.30 -14.08 13.53
C VAL D 190 26.20 -14.28 15.04
N PRO D 191 26.30 -15.53 15.52
CA PRO D 191 26.36 -15.76 16.96
C PRO D 191 27.60 -15.10 17.55
N SER D 192 27.41 -14.27 18.57
CA SER D 192 28.52 -13.51 19.14
C SER D 192 29.61 -14.37 19.78
N SER D 193 29.28 -15.63 20.09
CA SER D 193 30.24 -16.54 20.68
C SER D 193 31.18 -17.15 19.63
N SER D 194 30.94 -16.82 18.37
CA SER D 194 31.75 -17.34 17.28
C SER D 194 32.76 -16.29 16.79
N LEU D 195 32.69 -15.10 17.37
CA LEU D 195 33.57 -14.00 16.97
C LEU D 195 35.04 -14.31 17.23
N GLY D 196 35.30 -15.17 18.20
CA GLY D 196 36.66 -15.57 18.52
C GLY D 196 37.11 -16.74 17.69
N THR D 197 36.31 -17.79 17.62
CA THR D 197 36.63 -18.92 16.78
C THR D 197 36.52 -18.81 15.27
N GLN D 198 35.38 -18.36 14.77
CA GLN D 198 35.19 -18.21 13.33
C GLN D 198 35.74 -16.89 12.81
N THR D 199 36.30 -16.92 11.61
CA THR D 199 36.77 -15.70 10.96
C THR D 199 35.78 -15.29 9.87
N TYR D 200 35.46 -14.00 9.83
CA TYR D 200 34.51 -13.50 8.85
C TYR D 200 35.16 -12.53 7.87
N ILE D 201 35.13 -12.87 6.59
CA ILE D 201 35.76 -12.08 5.55
C ILE D 201 34.75 -11.62 4.51
N CYS D 202 34.71 -10.32 4.24
CA CYS D 202 33.90 -9.81 3.13
C CYS D 202 34.75 -9.79 1.86
N ASN D 203 34.21 -10.34 0.78
CA ASN D 203 34.92 -10.37 -0.49
C ASN D 203 34.39 -9.30 -1.44
N VAL D 204 35.11 -8.20 -1.51
CA VAL D 204 34.69 -7.07 -2.35
C VAL D 204 35.39 -7.10 -3.69
N ASN D 205 34.61 -7.01 -4.77
CA ASN D 205 35.15 -7.01 -6.12
C ASN D 205 34.53 -5.90 -6.96
N HIS D 206 35.34 -4.90 -7.29
CA HIS D 206 34.90 -3.83 -8.17
C HIS D 206 35.58 -3.98 -9.53
N LYS D 207 34.97 -4.79 -10.39
CA LYS D 207 35.51 -5.10 -11.71
C LYS D 207 35.90 -3.91 -12.62
N PRO D 208 35.07 -2.83 -12.66
CA PRO D 208 35.44 -1.70 -13.51
C PRO D 208 36.82 -1.10 -13.22
N SER D 209 37.31 -1.26 -11.99
CA SER D 209 38.62 -0.74 -11.62
C SER D 209 39.63 -1.86 -11.40
N ASN D 210 39.19 -3.10 -11.63
CA ASN D 210 40.00 -4.28 -11.33
C ASN D 210 40.47 -4.29 -9.89
N THR D 211 39.56 -4.00 -8.97
CA THR D 211 39.88 -3.94 -7.54
C THR D 211 39.25 -5.08 -6.77
N LYS D 212 40.09 -6.00 -6.29
CA LYS D 212 39.62 -7.08 -5.43
C LYS D 212 40.19 -6.93 -4.02
N VAL D 213 39.30 -6.95 -3.03
CA VAL D 213 39.72 -6.80 -1.63
C VAL D 213 39.07 -7.84 -0.73
N ASP D 214 39.89 -8.56 0.02
CA ASP D 214 39.39 -9.47 1.04
C ASP D 214 39.65 -8.88 2.41
N LYS D 215 38.58 -8.46 3.09
CA LYS D 215 38.69 -7.80 4.37
C LYS D 215 38.09 -8.63 5.50
N ARG D 216 38.88 -8.91 6.52
CA ARG D 216 38.35 -9.60 7.70
C ARG D 216 37.70 -8.58 8.63
N VAL D 217 36.58 -8.97 9.23
CA VAL D 217 35.88 -8.10 10.16
C VAL D 217 35.76 -8.74 11.53
N GLU D 218 36.33 -8.09 12.54
CA GLU D 218 36.32 -8.59 13.90
C GLU D 218 36.15 -7.43 14.88
N PRO D 219 35.67 -7.72 16.10
CA PRO D 219 35.53 -6.66 17.10
C PRO D 219 36.88 -6.02 17.44
N LYS D 220 36.87 -4.71 17.64
CA LYS D 220 38.10 -3.97 17.94
C LYS D 220 38.33 -3.83 19.44
N GLN E 2 -12.71 -6.37 4.89
CA GLN E 2 -14.04 -6.73 5.38
C GLN E 2 -14.84 -5.50 5.79
N PHE E 3 -16.11 -5.49 5.41
CA PHE E 3 -17.00 -4.34 5.57
C PHE E 3 -17.17 -3.90 7.01
N ASP E 4 -17.17 -2.59 7.23
CA ASP E 4 -17.43 -2.03 8.55
C ASP E 4 -18.75 -1.29 8.57
N LEU E 5 -19.68 -1.75 9.40
CA LEU E 5 -21.01 -1.16 9.50
C LEU E 5 -20.99 0.31 9.94
N SER E 6 -19.96 0.68 10.68
CA SER E 6 -19.86 2.04 11.22
C SER E 6 -19.59 3.07 10.13
N THR E 7 -18.60 2.80 9.29
CA THR E 7 -18.17 3.76 8.28
C THR E 7 -18.67 3.41 6.87
N ARG E 8 -19.30 2.26 6.74
CA ARG E 8 -19.71 1.73 5.44
C ARG E 8 -18.52 1.59 4.49
N ARG E 9 -17.33 1.39 5.06
CA ARG E 9 -16.12 1.23 4.28
C ARG E 9 -15.45 -0.10 4.61
N LEU E 10 -14.61 -0.57 3.69
CA LEU E 10 -13.84 -1.78 3.91
C LEU E 10 -12.56 -1.47 4.69
N LYS E 11 -12.27 -2.28 5.69
CA LYS E 11 -11.09 -2.07 6.52
C LYS E 11 -9.84 -2.72 5.92
N BAL F 1 7.51 4.39 -8.20
CB BAL F 1 7.73 5.51 -9.10
CA BAL F 1 9.20 5.57 -9.46
C BAL F 1 9.50 4.64 -10.62
O BAL F 1 8.58 4.08 -11.25
N GLN F 2 10.78 4.48 -10.92
CA GLN F 2 11.18 3.73 -12.09
C GLN F 2 11.89 2.44 -11.72
N PHE F 3 12.47 1.82 -12.74
CA PHE F 3 13.31 0.67 -12.57
C PHE F 3 14.67 1.17 -12.08
N ASP F 4 15.17 0.59 -11.00
CA ASP F 4 16.43 0.99 -10.38
C ASP F 4 17.53 0.05 -10.86
N LEU F 5 18.56 0.64 -11.47
CA LEU F 5 19.65 -0.16 -12.03
C LEU F 5 20.48 -0.91 -10.98
N SER F 6 20.53 -0.40 -9.75
CA SER F 6 21.30 -1.03 -8.67
CA SER F 6 21.31 -1.06 -8.70
C SER F 6 20.66 -2.35 -8.23
N THR F 7 19.35 -2.33 -8.03
CA THR F 7 18.63 -3.48 -7.52
C THR F 7 18.00 -4.35 -8.60
N ARG F 8 17.91 -3.79 -9.81
CA ARG F 8 17.19 -4.43 -10.90
C ARG F 8 15.74 -4.65 -10.49
N ARG F 9 15.27 -3.84 -9.55
CA ARG F 9 13.88 -3.90 -9.10
C ARG F 9 13.07 -2.63 -9.41
N LEU F 10 11.76 -2.80 -9.54
CA LEU F 10 10.87 -1.67 -9.69
C LEU F 10 10.73 -0.93 -8.36
N LYS F 11 10.85 0.40 -8.38
CA LYS F 11 10.81 1.16 -7.13
C LYS F 11 9.37 1.31 -6.69
N BAL F 12 8.50 1.54 -7.65
CB BAL F 12 7.10 1.24 -7.42
CA BAL F 12 6.29 2.52 -7.29
C BAL F 12 6.65 3.40 -8.46
O BAL F 12 6.37 3.02 -9.63
P PO4 G . -17.80 13.55 -8.61
O1 PO4 G . -18.20 13.88 -7.18
O2 PO4 G . -16.62 12.60 -8.61
O3 PO4 G . -17.41 14.82 -9.35
O4 PO4 G . -18.95 12.83 -9.29
P PO4 H . -13.67 13.61 7.02
O1 PO4 H . -14.07 13.50 8.48
O2 PO4 H . -12.77 14.80 6.83
O3 PO4 H . -14.91 13.78 6.16
O4 PO4 H . -12.94 12.37 6.60
P PO4 I . -36.00 11.46 17.12
O1 PO4 I . -34.80 11.31 18.04
O2 PO4 I . -37.06 12.25 17.87
O3 PO4 I . -36.53 10.09 16.75
O4 PO4 I . -35.59 12.17 15.84
P PO4 J . 10.89 -21.35 -7.40
O1 PO4 J . 12.17 -20.85 -6.79
O2 PO4 J . 10.15 -20.19 -8.04
O3 PO4 J . 10.02 -21.95 -6.32
O4 PO4 J . 11.20 -22.39 -8.45
P PO4 K . 17.93 -10.18 1.59
O1 PO4 K . 17.55 -10.60 2.98
O2 PO4 K . 18.38 -11.40 0.80
O3 PO4 K . 19.06 -9.18 1.65
O4 PO4 K . 16.73 -9.55 0.90
P PO4 L . 38.81 -8.58 -11.39
O1 PO4 L . 38.47 -7.63 -10.27
O2 PO4 L . 40.15 -9.23 -11.07
O3 PO4 L . 37.72 -9.62 -11.57
O4 PO4 L . 38.92 -7.79 -12.68
#